data_1MLZ
#
_entry.id   1MLZ
#
_cell.length_a   128.034
_cell.length_b   55.960
_cell.length_c   116.001
_cell.angle_alpha   90.00
_cell.angle_beta   109.65
_cell.angle_gamma   90.00
#
_symmetry.space_group_name_H-M   'C 1 2 1'
#
loop_
_entity.id
_entity.type
_entity.pdbx_description
1 polymer '7,8-diamino-pelargonic acid aminotransferase'
2 non-polymer TRANS-AMICLENOMYCIN
3 non-polymer 'SODIUM ION'
4 non-polymer "PYRIDOXAL-5'-PHOSPHATE"
5 water water
#
_entity_poly.entity_id   1
_entity_poly.type   'polypeptide(L)'
_entity_poly.pdbx_seq_one_letter_code
;MTTDDLAFDQRHILHPYTSMTSPLPVYPVVSAEGCELILSDGRRLVDGMSSWWAAIHGYNHPQLNAAMKSQIDAMSHVMF
GGITHAPAIELCRKLVAMTPQPLECVFLADSGSVAVEVAMKMALQYWQAKGEARQRFLTFRNGYHGDTFGAMSVCDPDNS
MHSLWKGYLPENLFAPAPQSRMDGEWDERDMVGFARLMAAHRHEIAAVIIEPIVQGAGGMRMYHPEWLKRIRKICDREGI
LLIADEIATGFGRTGKLFACEHAEIAPDILCLGKALTGGTMTLSATLTTREVAETISNGEAGCFMHGPTFMGNPLACAAA
NASLAILESGDWQQQVADIEVQLREQLAPARDAEMVADVRVLGAIGVVETTHPVNMAALQKFFVEQGVWIRPFGKLIYLM
PPYIILPQQLQRLTAAVNRAVQDETFFCQ
;
_entity_poly.pdbx_strand_id   A,B
#
loop_
_chem_comp.id
_chem_comp.type
_chem_comp.name
_chem_comp.formula
NA non-polymer 'SODIUM ION' 'Na 1'
PLP non-polymer PYRIDOXAL-5'-PHOSPHATE 'C8 H10 N O6 P'
TZA non-polymer TRANS-AMICLENOMYCIN 'C10 H16 N2 O2'
#
# COMPACT_ATOMS: atom_id res chain seq x y z
N MET A 1 -9.49 26.30 7.61
CA MET A 1 -8.12 26.01 8.11
C MET A 1 -7.43 27.30 8.51
N THR A 2 -7.31 27.49 9.80
CA THR A 2 -6.56 28.54 10.41
C THR A 2 -5.08 28.57 10.00
N THR A 3 -4.46 29.71 10.29
CA THR A 3 -3.06 29.91 9.95
C THR A 3 -2.23 28.94 10.76
N ASP A 4 -2.70 28.65 11.97
CA ASP A 4 -2.02 27.69 12.83
C ASP A 4 -2.12 26.24 12.31
N ASP A 5 -3.21 25.95 11.58
CA ASP A 5 -3.39 24.65 10.95
C ASP A 5 -2.29 24.50 9.91
N LEU A 6 -2.08 25.54 9.13
CA LEU A 6 -1.08 25.51 8.09
C LEU A 6 0.32 25.47 8.65
N ALA A 7 0.51 26.12 9.78
CA ALA A 7 1.79 26.07 10.48
C ALA A 7 2.08 24.65 10.88
N PHE A 8 1.08 23.99 11.44
CA PHE A 8 1.26 22.63 11.88
C PHE A 8 1.64 21.70 10.72
N ASP A 9 0.96 21.87 9.59
CA ASP A 9 1.22 21.04 8.41
C ASP A 9 2.68 21.18 8.04
N GLN A 10 3.11 22.43 7.88
CA GLN A 10 4.46 22.74 7.45
C GLN A 10 5.50 22.14 8.37
N ARG A 11 5.31 22.22 9.68
CA ARG A 11 6.32 21.69 10.61
C ARG A 11 6.21 20.23 10.97
N HIS A 12 5.02 19.67 10.83
CA HIS A 12 4.76 18.32 11.32
C HIS A 12 4.33 17.28 10.31
N ILE A 13 3.92 17.69 9.13
CA ILE A 13 3.42 16.76 8.11
C ILE A 13 4.36 16.63 6.93
N LEU A 14 4.85 15.42 6.71
CA LEU A 14 5.71 15.16 5.59
C LEU A 14 4.84 15.06 4.38
N HIS A 15 5.27 15.72 3.35
CA HIS A 15 4.58 15.72 2.12
C HIS A 15 5.45 14.92 1.15
N PRO A 16 4.89 14.48 0.06
CA PRO A 16 5.63 13.62 -0.86
C PRO A 16 6.83 14.29 -1.49
N TYR A 17 7.95 13.58 -1.49
CA TYR A 17 9.16 13.99 -2.17
C TYR A 17 9.46 15.45 -1.97
N THR A 18 9.35 15.90 -0.74
CA THR A 18 9.62 17.27 -0.45
C THR A 18 10.19 17.45 0.93
N SER A 19 11.04 18.44 1.06
CA SER A 19 11.78 18.68 2.28
C SER A 19 11.00 19.17 3.50
N MET A 20 11.45 18.71 4.66
CA MET A 20 10.95 19.18 5.93
C MET A 20 11.71 20.40 6.47
N THR A 21 12.80 20.80 5.81
CA THR A 21 13.60 21.94 6.30
C THR A 21 13.38 23.20 5.47
N SER A 22 13.20 23.03 4.17
CA SER A 22 13.05 24.14 3.22
C SER A 22 11.66 24.01 2.58
N PRO A 23 10.87 23.55 3.40
CA PRO A 23 9.56 23.18 2.85
C PRO A 23 9.08 24.30 1.89
N LEU A 24 8.25 24.01 0.86
CA LEU A 24 7.64 24.96 -0.10
C LEU A 24 6.15 25.03 -0.01
N PRO A 25 5.61 26.18 -0.35
CA PRO A 25 4.21 26.45 -0.14
C PRO A 25 3.27 25.33 -0.55
N VAL A 26 2.30 25.06 0.30
CA VAL A 26 1.24 24.13 -0.02
C VAL A 26 -0.03 24.97 -0.06
N TYR A 27 -1.01 24.55 -0.82
CA TYR A 27 -2.26 25.26 -0.90
C TYR A 27 -3.38 24.44 -0.24
N PRO A 28 -4.14 25.09 0.63
CA PRO A 28 -5.20 24.42 1.39
C PRO A 28 -6.47 24.24 0.59
N VAL A 29 -6.79 22.99 0.28
CA VAL A 29 -7.99 22.63 -0.44
C VAL A 29 -9.08 22.18 0.53
N VAL A 30 -10.28 22.72 0.39
CA VAL A 30 -11.42 22.38 1.27
C VAL A 30 -12.39 21.40 0.61
N SER A 31 -12.55 21.50 -0.70
CA SER A 31 -13.40 20.57 -1.41
C SER A 31 -13.07 20.61 -2.88
N ALA A 32 -13.83 19.85 -3.66
CA ALA A 32 -13.58 19.75 -5.07
C ALA A 32 -14.82 19.31 -5.79
N GLU A 33 -15.03 19.80 -6.99
CA GLU A 33 -16.21 19.43 -7.74
C GLU A 33 -15.91 19.61 -9.22
N GLY A 34 -16.42 18.69 -10.02
CA GLY A 34 -16.20 18.72 -11.44
C GLY A 34 -14.70 18.62 -11.75
N CYS A 35 -14.17 19.63 -12.44
CA CYS A 35 -12.77 19.65 -12.77
C CYS A 35 -12.06 20.73 -12.00
N GLU A 36 -12.65 21.15 -10.88
CA GLU A 36 -12.13 22.23 -10.09
C GLU A 36 -11.81 21.88 -8.63
N LEU A 37 -10.68 22.41 -8.16
CA LEU A 37 -10.29 22.30 -6.77
C LEU A 37 -10.73 23.61 -6.13
N ILE A 38 -11.12 23.56 -4.85
CA ILE A 38 -11.56 24.78 -4.15
C ILE A 38 -10.73 25.01 -2.91
N LEU A 39 -10.04 26.15 -2.88
CA LEU A 39 -9.16 26.51 -1.78
C LEU A 39 -9.95 27.07 -0.60
N SER A 40 -9.26 27.21 0.52
CA SER A 40 -9.89 27.70 1.75
C SER A 40 -10.51 29.10 1.67
N ASP A 41 -9.89 29.94 0.83
CA ASP A 41 -10.30 31.33 0.63
C ASP A 41 -11.28 31.46 -0.55
N GLY A 42 -11.77 30.34 -1.06
CA GLY A 42 -12.78 30.35 -2.10
C GLY A 42 -12.23 30.29 -3.52
N ARG A 43 -10.95 30.57 -3.71
CA ARG A 43 -10.39 30.52 -5.05
C ARG A 43 -10.66 29.17 -5.64
N ARG A 44 -11.06 29.21 -6.89
CA ARG A 44 -11.34 27.99 -7.62
C ARG A 44 -10.26 27.73 -8.69
N LEU A 45 -9.79 26.48 -8.83
CA LEU A 45 -8.75 26.12 -9.81
C LEU A 45 -9.14 24.97 -10.73
N VAL A 46 -8.85 25.12 -12.01
CA VAL A 46 -9.07 24.06 -12.97
C VAL A 46 -7.93 23.07 -12.74
N ASP A 47 -8.25 21.79 -12.53
CA ASP A 47 -7.25 20.78 -12.27
C ASP A 47 -6.70 20.23 -13.58
N GLY A 48 -5.40 20.41 -13.78
CA GLY A 48 -4.78 19.94 -14.98
C GLY A 48 -4.04 18.65 -14.70
N MET A 49 -4.12 18.16 -13.46
CA MET A 49 -3.34 16.98 -13.05
C MET A 49 -4.11 15.70 -12.72
N SER A 50 -5.41 15.78 -12.53
CA SER A 50 -6.21 14.61 -12.13
C SER A 50 -5.72 13.91 -10.84
N SER A 51 -5.17 14.69 -9.91
CA SER A 51 -4.62 14.17 -8.66
C SER A 51 -3.63 13.06 -8.96
N TRP A 52 -2.64 13.45 -9.74
CA TRP A 52 -1.63 12.53 -10.18
C TRP A 52 -2.20 11.41 -11.03
N TRP A 53 -2.95 11.82 -12.05
CA TRP A 53 -3.39 10.96 -13.13
C TRP A 53 -4.61 10.09 -12.81
N ALA A 54 -5.02 10.00 -11.54
CA ALA A 54 -6.11 9.10 -11.14
C ALA A 54 -7.58 9.57 -11.34
N ALA A 55 -7.86 10.86 -11.18
CA ALA A 55 -9.23 11.32 -11.17
C ALA A 55 -9.72 11.60 -12.59
N ILE A 56 -9.85 10.53 -13.37
CA ILE A 56 -10.21 10.61 -14.77
C ILE A 56 -11.68 11.01 -14.95
N HIS A 57 -12.47 10.95 -13.89
CA HIS A 57 -13.85 11.42 -13.94
C HIS A 57 -14.06 12.67 -13.14
N GLY A 58 -13.00 13.37 -12.80
CA GLY A 58 -13.15 14.59 -12.01
C GLY A 58 -13.39 14.30 -10.57
N TYR A 59 -13.95 15.28 -9.86
CA TYR A 59 -14.19 15.19 -8.44
C TYR A 59 -15.70 15.26 -8.14
N ASN A 60 -16.07 14.76 -6.98
CA ASN A 60 -17.45 14.72 -6.53
C ASN A 60 -18.38 14.25 -7.63
N HIS A 61 -18.04 13.13 -8.24
CA HIS A 61 -18.86 12.55 -9.27
C HIS A 61 -20.02 11.80 -8.61
N PRO A 62 -21.27 12.15 -8.96
CA PRO A 62 -22.45 11.54 -8.34
C PRO A 62 -22.50 10.00 -8.43
N GLN A 63 -22.13 9.40 -9.55
CA GLN A 63 -22.09 7.94 -9.71
C GLN A 63 -21.01 7.31 -8.78
N LEU A 64 -19.83 7.94 -8.68
CA LEU A 64 -18.80 7.45 -7.75
C LEU A 64 -19.28 7.64 -6.29
N ASN A 65 -19.74 8.84 -5.95
CA ASN A 65 -20.25 9.13 -4.59
C ASN A 65 -21.35 8.15 -4.13
N ALA A 66 -22.31 7.86 -4.98
CA ALA A 66 -23.43 7.00 -4.60
C ALA A 66 -22.97 5.59 -4.36
N ALA A 67 -22.07 5.09 -5.20
CA ALA A 67 -21.59 3.73 -5.03
C ALA A 67 -20.80 3.63 -3.72
N MET A 68 -20.07 4.68 -3.38
CA MET A 68 -19.30 4.65 -2.14
C MET A 68 -20.23 4.67 -0.91
N LYS A 69 -21.12 5.65 -0.85
CA LYS A 69 -22.06 5.70 0.30
C LYS A 69 -22.90 4.43 0.41
N SER A 70 -23.36 3.86 -0.68
CA SER A 70 -24.12 2.62 -0.61
C SER A 70 -23.30 1.49 -0.03
N GLN A 71 -22.05 1.35 -0.48
CA GLN A 71 -21.22 0.31 0.08
C GLN A 71 -20.97 0.56 1.58
N ILE A 72 -20.85 1.82 1.97
CA ILE A 72 -20.68 2.15 3.39
C ILE A 72 -21.88 1.64 4.19
N ASP A 73 -23.08 1.71 3.59
CA ASP A 73 -24.31 1.22 4.25
C ASP A 73 -24.31 -0.30 4.48
N ALA A 74 -23.68 -1.05 3.59
CA ALA A 74 -23.53 -2.48 3.76
C ALA A 74 -22.32 -2.82 4.67
N MET A 75 -21.11 -2.34 4.31
CA MET A 75 -19.87 -2.57 5.06
C MET A 75 -18.71 -1.98 4.28
N SER A 76 -18.02 -1.05 4.88
CA SER A 76 -16.92 -0.45 4.16
C SER A 76 -15.79 -1.48 4.05
N HIS A 77 -15.60 -2.29 5.07
CA HIS A 77 -14.58 -3.31 5.06
C HIS A 77 -14.90 -4.56 5.82
N VAL A 78 -14.45 -5.69 5.25
CA VAL A 78 -14.44 -6.97 5.92
C VAL A 78 -13.21 -7.70 5.35
N MET A 79 -12.59 -8.55 6.16
CA MET A 79 -11.40 -9.30 5.76
C MET A 79 -11.70 -10.24 4.59
N PHE A 80 -10.64 -10.55 3.84
CA PHE A 80 -10.71 -11.37 2.65
C PHE A 80 -10.16 -12.76 2.85
N GLY A 81 -9.64 -13.06 4.03
CA GLY A 81 -9.20 -14.41 4.35
C GLY A 81 -10.40 -15.30 4.62
N GLY A 82 -10.69 -16.26 3.73
CA GLY A 82 -11.83 -17.18 3.93
C GLY A 82 -13.22 -16.55 3.73
N ILE A 83 -13.24 -15.32 3.22
CA ILE A 83 -14.44 -14.56 2.98
C ILE A 83 -14.37 -13.95 1.57
N THR A 84 -15.51 -13.83 0.92
CA THR A 84 -15.59 -13.09 -0.32
C THR A 84 -16.87 -12.24 -0.27
N HIS A 85 -16.99 -11.30 -1.20
CA HIS A 85 -18.10 -10.38 -1.20
C HIS A 85 -18.32 -9.92 -2.61
N ALA A 86 -19.46 -9.27 -2.81
CA ALA A 86 -19.92 -8.84 -4.14
C ALA A 86 -19.09 -7.79 -4.83
N PRO A 87 -18.74 -6.69 -4.14
CA PRO A 87 -17.90 -5.69 -4.74
C PRO A 87 -16.62 -6.30 -5.30
N ALA A 88 -15.97 -7.19 -4.58
CA ALA A 88 -14.76 -7.81 -5.10
C ALA A 88 -15.06 -8.67 -6.34
N ILE A 89 -16.16 -9.42 -6.26
CA ILE A 89 -16.51 -10.33 -7.33
C ILE A 89 -16.87 -9.53 -8.58
N GLU A 90 -17.72 -8.52 -8.42
CA GLU A 90 -18.13 -7.66 -9.53
C GLU A 90 -16.94 -6.91 -10.13
N LEU A 91 -16.05 -6.37 -9.28
CA LEU A 91 -14.87 -5.71 -9.82
C LEU A 91 -14.00 -6.71 -10.59
N CYS A 92 -13.81 -7.90 -10.06
CA CYS A 92 -12.94 -8.88 -10.72
C CYS A 92 -13.52 -9.35 -12.07
N ARG A 93 -14.83 -9.50 -12.17
CA ARG A 93 -15.44 -9.85 -13.45
C ARG A 93 -15.10 -8.81 -14.49
N LYS A 94 -15.18 -7.54 -14.14
CA LYS A 94 -14.85 -6.46 -15.08
C LYS A 94 -13.38 -6.48 -15.47
N LEU A 95 -12.48 -6.63 -14.50
CA LEU A 95 -11.08 -6.58 -14.86
C LEU A 95 -10.70 -7.72 -15.83
N VAL A 96 -11.18 -8.93 -15.53
CA VAL A 96 -10.91 -10.06 -16.39
C VAL A 96 -11.46 -9.85 -17.82
N ALA A 97 -12.71 -9.39 -17.88
CA ALA A 97 -13.39 -9.18 -19.15
C ALA A 97 -12.75 -8.08 -19.99
N MET A 98 -12.37 -6.96 -19.36
CA MET A 98 -11.86 -5.85 -20.12
C MET A 98 -10.41 -6.01 -20.54
N THR A 99 -9.71 -6.97 -19.96
CA THR A 99 -8.30 -7.17 -20.30
C THR A 99 -8.10 -8.29 -21.31
N PRO A 100 -6.93 -8.34 -21.94
CA PRO A 100 -6.66 -9.40 -22.90
C PRO A 100 -7.02 -10.78 -22.34
N GLN A 101 -7.41 -11.70 -23.21
CA GLN A 101 -7.92 -13.02 -22.79
C GLN A 101 -7.19 -13.85 -21.74
N PRO A 102 -5.88 -14.04 -21.93
CA PRO A 102 -5.04 -14.80 -20.99
C PRO A 102 -5.05 -14.31 -19.58
N LEU A 103 -5.17 -13.00 -19.41
CA LEU A 103 -5.21 -12.41 -18.07
C LEU A 103 -6.55 -12.67 -17.43
N GLU A 104 -6.60 -13.61 -16.52
CA GLU A 104 -7.88 -13.98 -16.03
C GLU A 104 -7.90 -14.23 -14.52
N CYS A 105 -6.76 -14.05 -13.84
CA CYS A 105 -6.64 -14.25 -12.40
C CYS A 105 -6.23 -12.86 -11.73
N VAL A 106 -6.95 -12.45 -10.68
CA VAL A 106 -6.75 -11.11 -10.11
C VAL A 106 -6.28 -11.17 -8.70
N PHE A 107 -5.22 -10.42 -8.44
CA PHE A 107 -4.73 -10.16 -7.10
C PHE A 107 -4.90 -8.69 -6.81
N LEU A 108 -5.92 -8.39 -6.02
CA LEU A 108 -6.20 -7.03 -5.61
C LEU A 108 -5.23 -6.63 -4.50
N ALA A 109 -4.83 -5.38 -4.45
CA ALA A 109 -4.04 -4.93 -3.33
C ALA A 109 -4.29 -3.44 -3.11
N ASP A 110 -3.48 -2.80 -2.28
CA ASP A 110 -3.75 -1.43 -1.87
C ASP A 110 -3.18 -0.30 -2.73
N SER A 111 -2.01 -0.45 -3.31
CA SER A 111 -1.40 0.65 -4.02
C SER A 111 -0.57 0.14 -5.19
N GLY A 112 -0.18 1.07 -6.02
CA GLY A 112 0.64 0.78 -7.18
C GLY A 112 1.99 0.13 -6.87
N SER A 113 2.77 0.75 -5.98
CA SER A 113 4.06 0.18 -5.60
C SER A 113 3.87 -1.27 -5.17
N VAL A 114 2.78 -1.55 -4.45
CA VAL A 114 2.55 -2.88 -3.94
C VAL A 114 2.18 -3.83 -5.07
N ALA A 115 1.44 -3.31 -6.05
CA ALA A 115 1.01 -4.09 -7.20
C ALA A 115 2.22 -4.51 -8.03
N VAL A 116 3.22 -3.64 -8.13
CA VAL A 116 4.45 -3.98 -8.84
C VAL A 116 5.24 -5.03 -8.04
N GLU A 117 5.21 -4.92 -6.71
CA GLU A 117 5.90 -5.89 -5.84
C GLU A 117 5.27 -7.27 -6.01
N VAL A 118 3.95 -7.28 -6.08
CA VAL A 118 3.21 -8.49 -6.29
C VAL A 118 3.59 -9.11 -7.64
N ALA A 119 3.67 -8.31 -8.67
CA ALA A 119 4.04 -8.83 -10.00
C ALA A 119 5.45 -9.46 -9.97
N MET A 120 6.38 -8.81 -9.28
CA MET A 120 7.74 -9.29 -9.18
C MET A 120 7.80 -10.59 -8.42
N LYS A 121 7.06 -10.66 -7.31
CA LYS A 121 6.98 -11.85 -6.51
C LYS A 121 6.37 -13.00 -7.29
N MET A 122 5.38 -12.69 -8.13
CA MET A 122 4.72 -13.72 -8.91
C MET A 122 5.77 -14.37 -9.83
N ALA A 123 6.56 -13.52 -10.48
CA ALA A 123 7.60 -13.98 -11.40
C ALA A 123 8.65 -14.81 -10.68
N LEU A 124 9.17 -14.30 -9.55
CA LEU A 124 10.16 -15.06 -8.80
C LEU A 124 9.60 -16.42 -8.37
N GLN A 125 8.40 -16.44 -7.82
CA GLN A 125 7.79 -17.69 -7.36
C GLN A 125 7.49 -18.64 -8.51
N TYR A 126 7.10 -18.08 -9.64
CA TYR A 126 6.82 -18.87 -10.84
C TYR A 126 8.04 -19.72 -11.17
N TRP A 127 9.19 -19.08 -11.32
CA TRP A 127 10.43 -19.74 -11.69
C TRP A 127 10.95 -20.63 -10.58
N GLN A 128 10.75 -20.24 -9.33
CA GLN A 128 11.11 -21.09 -8.20
C GLN A 128 10.31 -22.39 -8.27
N ALA A 129 9.06 -22.30 -8.69
CA ALA A 129 8.20 -23.47 -8.82
C ALA A 129 8.57 -24.36 -10.01
N LYS A 130 9.19 -23.79 -11.05
CA LYS A 130 9.63 -24.58 -12.20
C LYS A 130 11.08 -25.03 -12.02
N GLY A 131 11.63 -24.75 -10.86
CA GLY A 131 12.99 -25.15 -10.55
C GLY A 131 14.08 -24.43 -11.33
N GLU A 132 13.77 -23.23 -11.85
CA GLU A 132 14.67 -22.45 -12.69
C GLU A 132 15.32 -21.32 -11.86
N ALA A 133 16.66 -21.19 -11.95
CA ALA A 133 17.38 -20.12 -11.24
C ALA A 133 17.26 -18.82 -12.03
N ARG A 134 16.18 -18.08 -11.79
CA ARG A 134 15.92 -16.85 -12.50
C ARG A 134 15.52 -15.76 -11.50
N GLN A 135 16.39 -14.79 -11.27
CA GLN A 135 16.08 -13.73 -10.32
C GLN A 135 16.31 -12.33 -10.84
N ARG A 136 16.66 -12.19 -12.11
CA ARG A 136 16.91 -10.88 -12.67
C ARG A 136 15.65 -10.33 -13.34
N PHE A 137 15.57 -9.02 -13.33
CA PHE A 137 14.54 -8.34 -14.06
C PHE A 137 15.25 -7.53 -15.08
N LEU A 138 14.63 -7.45 -16.25
CA LEU A 138 15.14 -6.66 -17.33
C LEU A 138 14.14 -5.53 -17.52
N THR A 139 14.63 -4.31 -17.44
CA THR A 139 13.80 -3.12 -17.54
C THR A 139 14.47 -2.07 -18.45
N PHE A 140 13.79 -0.94 -18.64
CA PHE A 140 14.28 0.17 -19.45
C PHE A 140 14.82 1.28 -18.55
N ARG A 141 15.78 2.05 -19.07
CA ARG A 141 16.19 3.27 -18.41
C ARG A 141 15.04 4.29 -18.53
N ASN A 142 14.96 5.19 -17.55
CA ASN A 142 13.90 6.17 -17.45
C ASN A 142 12.57 5.59 -16.98
N GLY A 143 12.57 4.32 -16.56
CA GLY A 143 11.36 3.69 -16.05
C GLY A 143 11.12 4.00 -14.58
N TYR A 144 9.85 4.00 -14.19
CA TYR A 144 9.51 4.26 -12.81
C TYR A 144 8.40 3.31 -12.46
N HIS A 145 8.58 2.55 -11.39
CA HIS A 145 7.59 1.58 -10.96
C HIS A 145 7.12 1.68 -9.49
N GLY A 146 7.56 2.71 -8.76
CA GLY A 146 7.15 2.83 -7.38
C GLY A 146 8.28 3.10 -6.40
N ASP A 147 7.90 3.21 -5.13
CA ASP A 147 8.79 3.66 -4.06
C ASP A 147 9.21 2.63 -3.04
N THR A 148 8.54 1.49 -3.02
CA THR A 148 8.92 0.41 -2.10
C THR A 148 10.19 -0.22 -2.66
N PHE A 149 10.93 -0.96 -1.81
CA PHE A 149 12.27 -1.50 -2.12
C PHE A 149 12.30 -2.30 -3.46
N GLY A 150 11.34 -3.20 -3.71
CA GLY A 150 11.31 -4.01 -4.92
C GLY A 150 11.09 -3.15 -6.15
N ALA A 151 10.12 -2.28 -6.05
CA ALA A 151 9.82 -1.35 -7.11
C ALA A 151 11.04 -0.45 -7.39
N MET A 152 11.71 0.04 -6.35
CA MET A 152 12.88 0.88 -6.56
C MET A 152 13.97 0.15 -7.38
N SER A 153 14.11 -1.16 -7.15
CA SER A 153 15.14 -1.96 -7.82
C SER A 153 14.97 -2.07 -9.36
N VAL A 154 13.82 -1.62 -9.87
CA VAL A 154 13.59 -1.57 -11.33
C VAL A 154 13.30 -0.16 -11.84
N CYS A 155 13.46 0.86 -10.99
CA CYS A 155 13.34 2.24 -11.45
C CYS A 155 14.73 2.66 -12.02
N ASP A 156 14.74 3.70 -12.83
CA ASP A 156 15.97 4.28 -13.37
C ASP A 156 16.92 4.60 -12.24
N PRO A 157 18.10 4.00 -12.26
CA PRO A 157 19.09 4.19 -11.19
C PRO A 157 19.56 5.62 -11.01
N ASP A 158 19.48 6.43 -12.05
CA ASP A 158 19.86 7.84 -11.96
C ASP A 158 18.71 8.69 -11.44
N ASN A 159 17.56 8.61 -12.10
CA ASN A 159 16.38 9.35 -11.67
C ASN A 159 16.01 9.01 -10.21
N SER A 160 16.14 7.74 -9.84
CA SER A 160 15.78 7.29 -8.48
C SER A 160 16.96 7.26 -7.50
N MET A 161 18.09 7.88 -7.88
CA MET A 161 19.25 7.99 -7.00
C MET A 161 19.68 6.69 -6.32
N HIS A 162 19.79 5.61 -7.10
CA HIS A 162 20.15 4.29 -6.54
C HIS A 162 21.42 4.30 -5.69
N SER A 163 22.24 5.34 -5.80
CA SER A 163 23.47 5.43 -5.01
C SER A 163 23.13 5.46 -3.53
N LEU A 164 21.98 6.04 -3.19
CA LEU A 164 21.53 6.14 -1.81
C LEU A 164 21.33 4.78 -1.15
N TRP A 165 20.95 3.78 -1.93
CA TRP A 165 20.69 2.44 -1.42
C TRP A 165 21.68 1.40 -1.94
N LYS A 166 22.71 1.89 -2.65
CA LYS A 166 23.70 1.01 -3.25
C LYS A 166 24.14 -0.03 -2.21
N GLY A 167 23.81 -1.29 -2.49
CA GLY A 167 24.16 -2.35 -1.57
C GLY A 167 22.95 -3.02 -0.96
N TYR A 168 21.82 -2.30 -0.91
CA TYR A 168 20.57 -2.88 -0.37
C TYR A 168 19.72 -3.40 -1.53
N LEU A 169 19.68 -2.65 -2.62
CA LEU A 169 18.89 -3.06 -3.78
C LEU A 169 19.57 -4.13 -4.62
N PRO A 170 18.83 -5.17 -4.97
CA PRO A 170 19.32 -6.20 -5.89
C PRO A 170 19.64 -5.52 -7.22
N GLU A 171 20.70 -5.96 -7.92
CA GLU A 171 21.10 -5.33 -9.18
C GLU A 171 20.38 -5.93 -10.37
N ASN A 172 19.54 -5.13 -10.99
CA ASN A 172 18.79 -5.61 -12.15
C ASN A 172 19.41 -5.13 -13.46
N LEU A 173 18.81 -5.51 -14.57
CA LEU A 173 19.34 -5.15 -15.88
C LEU A 173 18.58 -4.02 -16.51
N PHE A 174 19.33 -3.07 -17.01
CA PHE A 174 18.74 -1.90 -17.57
C PHE A 174 19.14 -1.67 -19.01
N ALA A 175 18.20 -1.93 -19.90
CA ALA A 175 18.38 -1.65 -21.31
C ALA A 175 18.18 -0.16 -21.55
N PRO A 176 18.79 0.35 -22.62
CA PRO A 176 18.63 1.76 -22.96
C PRO A 176 17.18 2.24 -23.06
N ALA A 177 16.95 3.47 -22.62
CA ALA A 177 15.63 4.07 -22.78
C ALA A 177 15.29 3.97 -24.26
N PRO A 178 14.06 3.59 -24.57
CA PRO A 178 13.61 3.48 -25.96
C PRO A 178 13.68 4.82 -26.66
N GLN A 179 14.35 4.88 -27.82
CA GLN A 179 14.56 6.12 -28.58
C GLN A 179 13.45 6.46 -29.57
N SER A 180 13.03 5.48 -30.37
CA SER A 180 11.97 5.68 -31.37
C SER A 180 10.72 6.27 -30.71
N ARG A 181 10.22 7.37 -31.26
CA ARG A 181 9.08 8.08 -30.70
C ARG A 181 7.74 7.60 -31.23
N MET A 182 6.73 7.72 -30.37
CA MET A 182 5.35 7.38 -30.69
C MET A 182 4.90 8.26 -31.85
N GLY A 184 6.01 8.71 -35.27
CA GLY A 184 7.46 8.73 -35.36
C GLY A 184 7.98 7.52 -36.15
N GLU A 185 9.26 7.43 -36.48
CA GLU A 185 9.71 6.28 -37.29
C GLU A 185 10.58 5.33 -36.48
N TRP A 186 10.48 4.06 -36.82
CA TRP A 186 11.22 3.02 -36.13
C TRP A 186 12.64 2.84 -36.68
N ASP A 187 13.61 2.79 -35.77
CA ASP A 187 15.02 2.62 -36.10
C ASP A 187 15.52 1.32 -35.45
N GLU A 188 15.87 0.35 -36.29
CA GLU A 188 16.30 -0.97 -35.84
C GLU A 188 17.50 -0.91 -34.90
N ARG A 189 18.33 0.11 -35.07
CA ARG A 189 19.51 0.26 -34.22
C ARG A 189 19.14 0.44 -32.75
N ASP A 190 17.90 0.89 -32.51
CA ASP A 190 17.42 1.10 -31.15
C ASP A 190 17.48 -0.19 -30.31
N MET A 191 17.32 -1.34 -30.98
CA MET A 191 17.26 -2.64 -30.30
C MET A 191 18.63 -3.15 -29.86
N VAL A 192 19.70 -2.62 -30.30
CA VAL A 192 21.00 -3.20 -29.99
C VAL A 192 21.23 -3.37 -28.49
N GLY A 193 21.14 -2.29 -27.71
CA GLY A 193 21.24 -2.44 -26.26
C GLY A 193 20.50 -3.57 -25.60
N PHE A 194 19.19 -3.54 -25.87
CA PHE A 194 18.27 -4.52 -25.33
C PHE A 194 18.72 -5.94 -25.71
N ALA A 195 18.95 -6.18 -27.00
CA ALA A 195 19.41 -7.51 -27.46
C ALA A 195 20.70 -7.96 -26.78
N ARG A 196 21.68 -7.05 -26.66
CA ARG A 196 22.96 -7.33 -26.00
C ARG A 196 22.77 -7.81 -24.55
N LEU A 197 21.79 -7.26 -23.84
CA LEU A 197 21.51 -7.72 -22.48
C LEU A 197 20.74 -9.05 -22.51
N MET A 198 19.78 -9.19 -23.41
CA MET A 198 18.99 -10.43 -23.50
C MET A 198 19.86 -11.66 -23.82
N ALA A 199 20.81 -11.53 -24.74
CA ALA A 199 21.66 -12.69 -25.09
C ALA A 199 22.55 -13.09 -23.97
N ALA A 200 23.24 -12.14 -23.44
CA ALA A 200 24.12 -12.44 -22.37
C ALA A 200 23.38 -12.96 -21.09
N HIS A 201 22.09 -12.67 -20.93
CA HIS A 201 21.41 -13.03 -19.68
C HIS A 201 20.10 -13.76 -19.75
N ARG A 202 19.67 -14.06 -20.95
CA ARG A 202 18.40 -14.74 -21.12
C ARG A 202 18.21 -15.91 -20.14
N HIS A 203 19.23 -16.62 -19.73
CA HIS A 203 19.10 -17.75 -18.83
C HIS A 203 18.75 -17.37 -17.40
N GLU A 204 18.98 -16.12 -17.01
CA GLU A 204 18.93 -15.45 -15.69
C GLU A 204 17.62 -14.71 -15.40
N ILE A 205 16.96 -14.27 -16.48
CA ILE A 205 15.86 -13.29 -16.38
C ILE A 205 14.50 -13.86 -16.07
N ALA A 206 13.97 -13.47 -14.91
CA ALA A 206 12.62 -13.87 -14.49
C ALA A 206 11.59 -13.18 -15.33
N ALA A 207 11.73 -11.86 -15.49
CA ALA A 207 10.78 -11.10 -16.27
C ALA A 207 11.31 -9.81 -16.85
N VAL A 208 10.65 -9.38 -17.90
CA VAL A 208 10.88 -8.08 -18.47
C VAL A 208 9.77 -7.19 -17.86
N ILE A 209 10.12 -6.02 -17.34
CA ILE A 209 9.12 -5.11 -16.81
C ILE A 209 9.29 -3.75 -17.45
N ILE A 210 8.19 -3.19 -17.93
CA ILE A 210 8.17 -1.88 -18.56
C ILE A 210 6.81 -1.23 -18.45
N GLU A 211 6.82 0.10 -18.57
CA GLU A 211 5.61 0.88 -18.70
C GLU A 211 5.40 0.94 -20.20
N PRO A 212 4.25 0.51 -20.70
CA PRO A 212 3.95 0.57 -22.14
C PRO A 212 3.63 1.94 -22.73
N ILE A 213 4.40 2.25 -23.77
CA ILE A 213 4.22 3.45 -24.58
C ILE A 213 4.68 4.71 -23.86
N VAL A 214 4.26 4.90 -22.61
CA VAL A 214 4.63 6.10 -21.85
C VAL A 214 5.38 5.74 -20.58
N GLN A 215 6.56 6.32 -20.46
CA GLN A 215 7.36 6.23 -19.26
C GLN A 215 7.02 7.56 -18.58
N GLY A 216 6.21 7.52 -17.53
CA GLY A 216 5.70 8.74 -16.94
C GLY A 216 6.65 9.56 -16.10
N ALA A 217 6.78 9.17 -14.82
CA ALA A 217 7.58 9.88 -13.81
C ALA A 217 9.05 9.99 -14.19
N GLY A 218 9.53 9.06 -15.02
CA GLY A 218 10.92 9.08 -15.47
C GLY A 218 11.17 10.01 -16.64
N GLY A 219 10.19 10.84 -17.01
CA GLY A 219 10.41 11.81 -18.07
C GLY A 219 9.30 12.00 -19.10
N MET A 220 8.12 11.44 -18.86
CA MET A 220 6.99 11.58 -19.80
C MET A 220 7.41 11.25 -21.25
N ARG A 221 8.09 10.13 -21.43
CA ARG A 221 8.57 9.76 -22.74
C ARG A 221 7.56 8.89 -23.47
N MET A 222 7.38 9.17 -24.75
CA MET A 222 6.39 8.47 -25.56
C MET A 222 7.08 7.69 -26.67
N TYR A 223 7.13 6.37 -26.55
CA TYR A 223 7.90 5.59 -27.51
C TYR A 223 7.02 4.77 -28.47
N HIS A 224 7.67 4.22 -29.48
CA HIS A 224 7.00 3.52 -30.56
C HIS A 224 6.47 2.14 -30.16
N PRO A 225 5.21 1.83 -30.47
CA PRO A 225 4.64 0.51 -30.12
C PRO A 225 5.43 -0.72 -30.61
N GLU A 226 6.25 -0.57 -31.63
CA GLU A 226 7.02 -1.67 -32.15
C GLU A 226 7.83 -2.34 -31.05
N TRP A 227 8.29 -1.54 -30.09
CA TRP A 227 9.06 -2.07 -28.96
C TRP A 227 8.28 -3.15 -28.22
N LEU A 228 7.01 -2.89 -27.99
CA LEU A 228 6.19 -3.84 -27.27
C LEU A 228 6.06 -5.11 -28.10
N LYS A 229 5.82 -4.93 -29.39
CA LYS A 229 5.72 -6.07 -30.30
C LYS A 229 7.02 -6.88 -30.21
N ARG A 230 8.15 -6.22 -30.38
CA ARG A 230 9.44 -6.90 -30.33
C ARG A 230 9.72 -7.56 -28.96
N ILE A 231 9.41 -6.87 -27.87
CA ILE A 231 9.66 -7.44 -26.56
C ILE A 231 8.77 -8.65 -26.31
N ARG A 232 7.51 -8.55 -26.67
CA ARG A 232 6.62 -9.69 -26.50
C ARG A 232 7.15 -10.94 -27.26
N LYS A 233 7.53 -10.80 -28.52
CA LYS A 233 8.11 -11.91 -29.30
C LYS A 233 9.40 -12.42 -28.61
N ILE A 234 10.31 -11.50 -28.25
CA ILE A 234 11.53 -11.92 -27.58
C ILE A 234 11.22 -12.68 -26.30
N CYS A 235 10.23 -12.19 -25.53
CA CYS A 235 9.81 -12.90 -24.32
C CYS A 235 9.23 -14.30 -24.65
N ASP A 236 8.40 -14.41 -25.70
CA ASP A 236 7.85 -15.71 -26.14
C ASP A 236 8.94 -16.69 -26.50
N ARG A 237 9.93 -16.20 -27.23
CA ARG A 237 11.03 -17.04 -27.66
C ARG A 237 11.81 -17.61 -26.47
N GLU A 238 12.16 -16.74 -25.53
CA GLU A 238 13.01 -17.16 -24.40
C GLU A 238 12.22 -17.75 -23.27
N GLY A 239 10.89 -17.70 -23.37
CA GLY A 239 10.06 -18.23 -22.30
C GLY A 239 10.09 -17.33 -21.09
N ILE A 240 10.37 -16.04 -21.33
CA ILE A 240 10.44 -15.05 -20.26
C ILE A 240 9.08 -14.39 -20.03
N LEU A 241 8.74 -14.13 -18.77
CA LEU A 241 7.49 -13.43 -18.45
C LEU A 241 7.60 -11.95 -18.78
N LEU A 242 6.52 -11.37 -19.32
CA LEU A 242 6.45 -9.92 -19.56
C LEU A 242 5.45 -9.28 -18.57
N ILE A 243 5.93 -8.28 -17.82
CA ILE A 243 5.10 -7.55 -16.85
C ILE A 243 4.84 -6.17 -17.40
N ALA A 244 3.57 -5.81 -17.57
CA ALA A 244 3.25 -4.50 -18.08
C ALA A 244 2.69 -3.70 -16.92
N ASP A 245 3.36 -2.60 -16.60
CA ASP A 245 2.95 -1.68 -15.56
C ASP A 245 2.09 -0.61 -16.21
N GLU A 246 0.79 -0.70 -16.04
CA GLU A 246 -0.10 0.28 -16.62
C GLU A 246 -0.82 1.03 -15.51
N ILE A 247 -0.12 1.25 -14.40
CA ILE A 247 -0.71 1.98 -13.27
C ILE A 247 -0.98 3.42 -13.69
N ALA A 248 -0.09 4.02 -14.47
CA ALA A 248 -0.30 5.36 -15.05
C ALA A 248 -1.00 5.38 -16.44
N THR A 249 -0.79 4.36 -17.29
CA THR A 249 -1.36 4.33 -18.67
C THR A 249 -2.78 3.71 -18.74
N GLY A 250 -3.12 2.94 -17.74
CA GLY A 250 -4.42 2.28 -17.70
C GLY A 250 -5.68 3.13 -17.73
N PHE A 251 -6.76 2.51 -18.22
CA PHE A 251 -8.08 3.13 -18.24
C PHE A 251 -8.26 4.35 -19.10
N GLY A 252 -7.72 4.31 -20.31
CA GLY A 252 -7.96 5.34 -21.32
C GLY A 252 -6.93 6.42 -21.56
N ARG A 253 -6.03 6.63 -20.63
CA ARG A 253 -5.13 7.77 -20.68
C ARG A 253 -4.42 8.03 -22.04
N THR A 254 -3.88 6.99 -22.69
CA THR A 254 -3.12 7.23 -23.93
C THR A 254 -3.93 7.11 -25.20
N GLY A 255 -5.25 7.07 -25.05
CA GLY A 255 -6.14 6.98 -26.17
C GLY A 255 -6.74 5.60 -26.37
N LYS A 256 -6.16 4.56 -25.76
CA LYS A 256 -6.70 3.20 -25.80
C LYS A 256 -6.95 2.77 -24.34
N LEU A 257 -7.82 1.76 -24.15
CA LEU A 257 -8.20 1.33 -22.81
C LEU A 257 -6.93 0.99 -22.02
N PHE A 258 -6.03 0.25 -22.65
CA PHE A 258 -4.76 -0.10 -22.07
C PHE A 258 -3.75 0.22 -23.16
N ALA A 259 -2.60 0.75 -22.76
CA ALA A 259 -1.56 1.17 -23.70
C ALA A 259 -1.03 -0.02 -24.53
N CYS A 260 -1.09 -1.20 -23.95
CA CYS A 260 -0.71 -2.44 -24.65
C CYS A 260 -1.44 -2.62 -26.00
N GLU A 261 -2.63 -2.06 -26.12
CA GLU A 261 -3.41 -2.13 -27.37
C GLU A 261 -2.74 -1.47 -28.55
N HIS A 262 -1.94 -0.43 -28.30
CA HIS A 262 -1.23 0.26 -29.36
C HIS A 262 -0.35 -0.73 -30.12
N ALA A 263 0.03 -1.81 -29.46
CA ALA A 263 0.88 -2.82 -30.07
C ALA A 263 0.13 -4.15 -30.18
N GLU A 264 -1.10 -4.16 -29.71
CA GLU A 264 -1.92 -5.37 -29.77
C GLU A 264 -1.20 -6.57 -29.16
N ILE A 265 -0.75 -6.38 -27.94
CA ILE A 265 0.03 -7.39 -27.27
C ILE A 265 -0.59 -7.65 -25.92
N ALA A 266 -0.35 -8.83 -25.37
CA ALA A 266 -0.83 -9.15 -24.05
C ALA A 266 0.36 -9.56 -23.18
N PRO A 267 0.50 -8.95 -22.01
CA PRO A 267 1.57 -9.36 -21.10
C PRO A 267 1.13 -10.58 -20.32
N ASP A 268 2.10 -11.16 -19.63
CA ASP A 268 1.87 -12.25 -18.72
C ASP A 268 1.32 -11.70 -17.38
N ILE A 269 1.79 -10.52 -16.95
CA ILE A 269 1.33 -9.93 -15.70
C ILE A 269 1.05 -8.45 -15.93
N LEU A 270 -0.10 -7.98 -15.46
CA LEU A 270 -0.55 -6.62 -15.65
C LEU A 270 -0.78 -5.89 -14.32
N CYS A 271 -0.16 -4.73 -14.15
CA CYS A 271 -0.32 -3.94 -12.92
C CYS A 271 -1.22 -2.77 -13.19
N LEU A 272 -2.23 -2.58 -12.35
CA LEU A 272 -3.18 -1.52 -12.50
C LEU A 272 -3.36 -0.78 -11.18
N GLY A 273 -3.67 0.51 -11.30
CA GLY A 273 -3.88 1.36 -10.14
C GLY A 273 -4.58 2.66 -10.50
N LYS A 274 -4.25 3.72 -9.75
CA LYS A 274 -4.69 5.09 -9.93
C LYS A 274 -6.12 5.25 -10.46
N ALA A 275 -6.27 5.32 -11.76
CA ALA A 275 -7.60 5.55 -12.34
C ALA A 275 -8.59 4.42 -12.04
N LEU A 276 -8.08 3.29 -11.56
CA LEU A 276 -8.91 2.15 -11.22
C LEU A 276 -10.09 2.53 -10.35
N THR A 277 -9.92 3.42 -9.36
CA THR A 277 -11.03 3.83 -8.48
C THR A 277 -11.58 5.20 -8.78
N GLY A 278 -11.22 5.72 -9.94
CA GLY A 278 -11.58 7.08 -10.28
C GLY A 278 -10.88 8.09 -9.39
N GLY A 279 -9.72 7.72 -8.82
CA GLY A 279 -8.98 8.64 -7.96
C GLY A 279 -9.73 9.02 -6.69
N THR A 280 -10.56 8.13 -6.14
CA THR A 280 -11.32 8.42 -4.92
C THR A 280 -10.63 7.88 -3.66
N MET A 281 -9.90 6.78 -3.83
CA MET A 281 -9.19 6.15 -2.72
C MET A 281 -8.25 5.12 -3.30
N THR A 282 -7.34 4.64 -2.49
CA THR A 282 -6.33 3.77 -3.02
C THR A 282 -6.82 2.33 -3.18
N LEU A 283 -6.40 1.73 -4.28
CA LEU A 283 -6.62 0.32 -4.61
C LEU A 283 -5.71 -0.03 -5.79
N SER A 284 -5.30 -1.29 -5.95
CA SER A 284 -4.51 -1.70 -7.12
C SER A 284 -4.92 -3.10 -7.53
N ALA A 285 -4.51 -3.54 -8.74
CA ALA A 285 -4.74 -4.91 -9.13
C ALA A 285 -3.58 -5.39 -9.99
N THR A 286 -3.23 -6.65 -9.80
CA THR A 286 -2.22 -7.27 -10.60
C THR A 286 -2.87 -8.50 -11.21
N LEU A 287 -3.03 -8.50 -12.52
CA LEU A 287 -3.64 -9.62 -13.24
C LEU A 287 -2.56 -10.50 -13.85
N THR A 288 -2.80 -11.80 -13.84
CA THR A 288 -1.89 -12.71 -14.53
C THR A 288 -2.65 -13.89 -15.15
N THR A 289 -1.88 -14.82 -15.72
CA THR A 289 -2.47 -15.96 -16.44
C THR A 289 -2.65 -17.15 -15.53
N ARG A 290 -3.43 -18.10 -16.03
CA ARG A 290 -3.70 -19.37 -15.35
C ARG A 290 -2.37 -20.12 -15.16
N GLU A 291 -1.55 -20.11 -16.21
CA GLU A 291 -0.24 -20.75 -16.16
C GLU A 291 0.57 -20.24 -14.98
N VAL A 292 0.62 -18.92 -14.79
CA VAL A 292 1.40 -18.38 -13.68
C VAL A 292 0.76 -18.74 -12.35
N ALA A 293 -0.51 -18.41 -12.21
CA ALA A 293 -1.25 -18.62 -10.98
C ALA A 293 -1.24 -20.08 -10.45
N GLU A 294 -1.37 -21.06 -11.33
CA GLU A 294 -1.41 -22.48 -10.93
C GLU A 294 0.00 -22.97 -10.61
N THR A 295 0.93 -22.69 -11.51
CA THR A 295 2.31 -23.10 -11.33
C THR A 295 2.72 -22.72 -9.92
N ILE A 296 2.48 -21.47 -9.54
CA ILE A 296 2.82 -20.98 -8.20
C ILE A 296 2.14 -21.81 -7.11
N SER A 297 0.83 -21.95 -7.17
CA SER A 297 0.11 -22.74 -6.17
C SER A 297 0.60 -24.20 -6.14
N ASN A 298 1.10 -24.73 -7.26
CA ASN A 298 1.58 -26.12 -7.30
C ASN A 298 3.01 -26.29 -6.85
N GLY A 299 3.58 -25.22 -6.33
CA GLY A 299 5.00 -25.26 -5.98
C GLY A 299 5.17 -25.49 -4.47
N GLU A 300 6.36 -25.37 -3.91
CA GLU A 300 6.56 -25.69 -2.50
C GLU A 300 5.74 -24.89 -1.51
N ALA A 301 5.56 -23.59 -1.76
CA ALA A 301 4.85 -22.73 -0.83
C ALA A 301 3.33 -23.03 -0.83
N GLY A 302 2.87 -23.75 -1.85
CA GLY A 302 1.46 -24.15 -1.92
C GLY A 302 0.47 -23.05 -2.28
N CYS A 303 0.95 -21.82 -2.40
CA CYS A 303 0.10 -20.70 -2.72
C CYS A 303 0.98 -19.53 -3.08
N PHE A 304 0.36 -18.47 -3.59
CA PHE A 304 1.11 -17.24 -3.83
C PHE A 304 1.29 -16.53 -2.45
N MET A 305 2.53 -16.25 -2.11
CA MET A 305 2.85 -15.76 -0.78
C MET A 305 2.71 -14.24 -0.60
N HIS A 306 1.46 -13.80 -0.57
CA HIS A 306 1.15 -12.40 -0.34
C HIS A 306 -0.30 -12.32 0.14
N GLY A 307 -0.62 -11.27 0.88
CA GLY A 307 -1.92 -11.13 1.49
C GLY A 307 -2.01 -9.96 2.46
N PRO A 308 -2.16 -8.75 1.97
CA PRO A 308 -2.20 -7.55 2.82
C PRO A 308 -3.53 -7.48 3.62
N THR A 309 -3.50 -6.83 4.77
CA THR A 309 -4.67 -6.78 5.64
C THR A 309 -5.96 -6.35 4.96
N PHE A 310 -5.88 -5.30 4.16
CA PHE A 310 -7.08 -4.73 3.58
C PHE A 310 -7.37 -5.18 2.18
N MET A 311 -6.69 -6.25 1.76
CA MET A 311 -6.87 -6.84 0.45
C MET A 311 -8.36 -6.99 0.10
N GLY A 312 -8.74 -6.54 -1.08
CA GLY A 312 -10.12 -6.65 -1.50
C GLY A 312 -11.11 -5.74 -0.77
N ASN A 313 -10.65 -4.67 -0.13
CA ASN A 313 -11.52 -3.73 0.56
C ASN A 313 -12.84 -3.47 -0.18
N PRO A 314 -13.95 -3.87 0.42
CA PRO A 314 -15.27 -3.62 -0.18
C PRO A 314 -15.46 -2.18 -0.67
N LEU A 315 -15.18 -1.19 0.17
CA LEU A 315 -15.40 0.21 -0.24
C LEU A 315 -14.63 0.57 -1.48
N ALA A 316 -13.36 0.26 -1.48
CA ALA A 316 -12.55 0.60 -2.62
C ALA A 316 -13.07 -0.14 -3.86
N CYS A 317 -13.46 -1.38 -3.68
CA CYS A 317 -13.94 -2.19 -4.80
C CYS A 317 -15.20 -1.62 -5.39
N ALA A 318 -16.08 -1.12 -4.55
CA ALA A 318 -17.32 -0.53 -5.05
C ALA A 318 -16.99 0.72 -5.83
N ALA A 319 -16.11 1.56 -5.29
CA ALA A 319 -15.72 2.76 -6.01
C ALA A 319 -15.14 2.39 -7.38
N ALA A 320 -14.29 1.38 -7.39
CA ALA A 320 -13.66 0.98 -8.63
C ALA A 320 -14.70 0.44 -9.66
N ASN A 321 -15.74 -0.25 -9.15
CA ASN A 321 -16.82 -0.75 -9.99
C ASN A 321 -17.54 0.38 -10.62
N ALA A 322 -17.80 1.42 -9.83
CA ALA A 322 -18.48 2.61 -10.36
C ALA A 322 -17.61 3.35 -11.40
N SER A 323 -16.31 3.47 -11.14
CA SER A 323 -15.35 4.02 -12.11
C SER A 323 -15.30 3.24 -13.43
N LEU A 324 -15.30 1.92 -13.36
CA LEU A 324 -15.26 1.11 -14.57
C LEU A 324 -16.60 1.17 -15.31
N ALA A 325 -17.70 1.29 -14.57
CA ALA A 325 -19.01 1.42 -15.22
C ALA A 325 -19.06 2.72 -16.02
N ILE A 326 -18.55 3.81 -15.48
CA ILE A 326 -18.53 5.06 -16.24
C ILE A 326 -17.82 4.82 -17.57
N LEU A 327 -16.67 4.15 -17.53
CA LEU A 327 -15.94 3.84 -18.74
C LEU A 327 -16.76 2.91 -19.68
N GLU A 328 -17.62 2.07 -19.11
CA GLU A 328 -18.38 1.10 -19.92
C GLU A 328 -19.27 1.78 -20.95
N SER A 329 -19.70 2.99 -20.62
CA SER A 329 -20.49 3.83 -21.50
C SER A 329 -19.76 4.14 -22.81
N GLY A 330 -18.42 4.10 -22.78
CA GLY A 330 -17.62 4.31 -23.98
C GLY A 330 -17.22 5.73 -24.31
N ASP A 331 -17.89 6.69 -23.69
CA ASP A 331 -17.65 8.11 -23.87
C ASP A 331 -16.18 8.56 -23.80
N TRP A 332 -15.37 7.88 -23.00
CA TRP A 332 -13.96 8.27 -22.83
C TRP A 332 -13.15 8.28 -24.14
N GLN A 333 -13.53 7.37 -25.04
CA GLN A 333 -12.96 7.17 -26.38
C GLN A 333 -12.84 8.53 -27.14
N GLN A 334 -13.95 9.30 -27.20
CA GLN A 334 -13.95 10.57 -27.95
C GLN A 334 -13.50 11.73 -27.08
N GLN A 335 -13.80 11.63 -25.80
CA GLN A 335 -13.35 12.63 -24.84
C GLN A 335 -11.83 12.74 -24.92
N VAL A 336 -11.15 11.62 -24.88
CA VAL A 336 -9.70 11.60 -24.93
C VAL A 336 -9.18 12.06 -26.31
N ALA A 337 -9.83 11.61 -27.39
CA ALA A 337 -9.41 12.02 -28.75
C ALA A 337 -9.55 13.51 -28.96
N ASP A 338 -10.62 14.08 -28.43
CA ASP A 338 -10.84 15.52 -28.52
C ASP A 338 -9.79 16.29 -27.71
N ILE A 339 -9.41 15.75 -26.56
CA ILE A 339 -8.41 16.37 -25.69
C ILE A 339 -7.07 16.35 -26.40
N GLU A 340 -6.78 15.22 -27.04
CA GLU A 340 -5.53 15.05 -27.75
C GLU A 340 -5.39 16.14 -28.80
N VAL A 341 -6.46 16.33 -29.55
CA VAL A 341 -6.49 17.31 -30.61
C VAL A 341 -6.25 18.71 -30.06
N GLN A 342 -6.95 19.06 -29.00
CA GLN A 342 -6.82 20.39 -28.45
C GLN A 342 -5.42 20.63 -27.83
N LEU A 343 -4.85 19.60 -27.22
CA LEU A 343 -3.51 19.70 -26.64
C LEU A 343 -2.46 19.94 -27.74
N ARG A 344 -2.57 19.19 -28.83
CA ARG A 344 -1.64 19.34 -29.94
C ARG A 344 -1.73 20.75 -30.50
N GLU A 345 -2.94 21.24 -30.63
CA GLU A 345 -3.14 22.55 -31.22
C GLU A 345 -2.73 23.68 -30.29
N GLN A 346 -3.13 23.59 -29.03
CA GLN A 346 -2.87 24.66 -28.08
C GLN A 346 -1.46 24.64 -27.49
N LEU A 347 -0.74 23.51 -27.55
CA LEU A 347 0.61 23.51 -27.02
C LEU A 347 1.64 23.76 -28.13
N ALA A 348 1.18 23.76 -29.38
CA ALA A 348 2.06 23.95 -30.54
C ALA A 348 2.85 25.23 -30.46
N PRO A 349 2.25 26.34 -30.04
CA PRO A 349 2.97 27.61 -29.88
C PRO A 349 4.11 27.61 -28.86
N ALA A 350 4.16 26.62 -27.98
CA ALA A 350 5.27 26.58 -27.03
C ALA A 350 6.57 26.30 -27.79
N ARG A 351 6.43 25.79 -29.02
CA ARG A 351 7.57 25.52 -29.88
C ARG A 351 8.28 26.78 -30.40
N ASP A 352 7.77 27.96 -30.03
CA ASP A 352 8.39 29.21 -30.42
C ASP A 352 9.04 29.85 -29.22
N ALA A 353 8.84 29.28 -28.03
CA ALA A 353 9.33 29.84 -26.77
C ALA A 353 10.77 29.43 -26.50
N GLU A 354 11.55 30.35 -25.94
CA GLU A 354 12.97 30.15 -25.66
C GLU A 354 13.26 29.05 -24.65
N MET A 355 12.39 28.92 -23.64
CA MET A 355 12.60 27.97 -22.55
C MET A 355 12.26 26.52 -22.90
N VAL A 356 11.74 26.28 -24.09
CA VAL A 356 11.25 24.95 -24.47
C VAL A 356 12.24 24.05 -25.24
N ALA A 357 12.29 22.77 -24.86
CA ALA A 357 13.12 21.77 -25.53
C ALA A 357 12.23 20.90 -26.44
N ASP A 358 10.98 20.63 -26.04
CA ASP A 358 10.10 19.77 -26.86
C ASP A 358 8.64 19.90 -26.44
N VAL A 359 7.72 19.62 -27.38
CA VAL A 359 6.27 19.56 -27.13
C VAL A 359 5.83 18.24 -27.71
N ARG A 360 5.28 17.39 -26.86
CA ARG A 360 4.78 16.11 -27.35
C ARG A 360 3.41 15.83 -26.69
N VAL A 361 2.53 15.11 -27.38
CA VAL A 361 1.17 14.84 -26.92
C VAL A 361 0.70 13.44 -27.34
N LEU A 362 -0.02 12.76 -26.45
CA LEU A 362 -0.60 11.44 -26.72
C LEU A 362 -1.81 11.30 -25.80
N GLY A 363 -2.98 11.09 -26.42
CA GLY A 363 -4.21 10.95 -25.66
C GLY A 363 -4.39 12.15 -24.77
N ALA A 364 -4.72 11.93 -23.51
CA ALA A 364 -4.92 13.04 -22.58
C ALA A 364 -3.62 13.31 -21.80
N ILE A 365 -2.51 13.36 -22.52
CA ILE A 365 -1.22 13.69 -21.92
C ILE A 365 -0.57 14.76 -22.81
N GLY A 366 -0.36 15.97 -22.28
CA GLY A 366 0.33 17.00 -22.99
C GLY A 366 1.61 17.36 -22.25
N VAL A 367 2.74 17.36 -22.95
CA VAL A 367 4.02 17.63 -22.34
C VAL A 367 4.81 18.74 -23.01
N VAL A 368 5.23 19.68 -22.19
CA VAL A 368 6.13 20.74 -22.60
C VAL A 368 7.40 20.53 -21.77
N GLU A 369 8.40 19.90 -22.39
CA GLU A 369 9.70 19.68 -21.75
C GLU A 369 10.52 20.94 -21.98
N THR A 370 11.08 21.50 -20.93
CA THR A 370 11.80 22.75 -21.01
C THR A 370 13.36 22.56 -21.02
N THR A 371 14.08 23.63 -21.37
CA THR A 371 15.53 23.59 -21.47
C THR A 371 16.20 23.57 -20.13
N HIS A 372 15.53 24.05 -19.10
CA HIS A 372 16.16 24.15 -17.79
C HIS A 372 15.21 23.67 -16.66
N PRO A 373 15.76 23.32 -15.49
CA PRO A 373 15.04 23.00 -14.25
C PRO A 373 13.92 23.98 -13.94
N VAL A 374 12.69 23.50 -13.89
CA VAL A 374 11.65 24.42 -13.47
C VAL A 374 11.81 24.76 -11.98
N ASN A 375 11.49 26.00 -11.61
CA ASN A 375 11.32 26.37 -10.19
C ASN A 375 9.82 26.03 -9.82
N MET A 376 9.56 24.81 -9.34
CA MET A 376 8.23 24.33 -8.89
C MET A 376 7.42 25.30 -8.03
N ALA A 377 8.04 25.95 -7.01
CA ALA A 377 7.31 26.91 -6.11
C ALA A 377 6.83 28.14 -6.87
N ALA A 378 7.74 28.79 -7.59
CA ALA A 378 7.35 30.01 -8.32
C ALA A 378 6.32 29.73 -9.39
N LEU A 379 6.55 28.69 -10.15
CA LEU A 379 5.65 28.34 -11.21
C LEU A 379 4.29 27.91 -10.62
N GLN A 380 4.33 27.17 -9.53
CA GLN A 380 3.12 26.72 -8.87
C GLN A 380 2.30 27.96 -8.48
N LYS A 381 2.95 28.95 -7.89
CA LYS A 381 2.26 30.19 -7.46
C LYS A 381 1.66 30.85 -8.71
N PHE A 382 2.46 30.96 -9.75
CA PHE A 382 1.99 31.62 -10.95
C PHE A 382 0.75 30.90 -11.54
N PHE A 383 0.79 29.57 -11.58
CA PHE A 383 -0.35 28.82 -12.08
C PHE A 383 -1.57 29.06 -11.18
N VAL A 384 -1.39 29.01 -9.87
CA VAL A 384 -2.51 29.26 -8.97
C VAL A 384 -3.11 30.65 -9.26
N GLU A 385 -2.25 31.65 -9.48
CA GLU A 385 -2.73 33.01 -9.77
C GLU A 385 -3.51 33.04 -11.14
N GLN A 386 -3.26 32.09 -12.03
CA GLN A 386 -3.99 32.04 -13.28
C GLN A 386 -5.28 31.23 -13.13
N GLY A 387 -5.51 30.71 -11.93
CA GLY A 387 -6.71 29.93 -11.62
C GLY A 387 -6.63 28.48 -12.05
N VAL A 388 -5.42 27.91 -12.11
CA VAL A 388 -5.28 26.53 -12.54
C VAL A 388 -4.33 25.78 -11.62
N TRP A 389 -4.49 24.47 -11.55
CA TRP A 389 -3.58 23.64 -10.78
C TRP A 389 -2.74 22.80 -11.71
N ILE A 390 -1.45 23.09 -11.72
CA ILE A 390 -0.52 22.38 -12.57
C ILE A 390 0.74 22.22 -11.75
N ARG A 391 1.20 20.99 -11.62
CA ARG A 391 2.38 20.69 -10.85
C ARG A 391 3.54 20.14 -11.71
N PRO A 392 4.40 21.03 -12.11
CA PRO A 392 5.71 20.75 -12.70
C PRO A 392 6.67 19.97 -11.87
N PHE A 393 7.67 19.43 -12.56
CA PHE A 393 8.79 18.79 -11.90
C PHE A 393 9.92 18.60 -12.90
N GLY A 394 11.13 18.65 -12.36
CA GLY A 394 12.31 18.50 -13.16
C GLY A 394 12.22 19.41 -14.37
N LYS A 395 12.27 18.84 -15.57
CA LYS A 395 12.21 19.67 -16.76
C LYS A 395 10.94 19.41 -17.56
N LEU A 396 9.82 19.29 -16.87
CA LEU A 396 8.56 18.99 -17.51
C LEU A 396 7.44 19.85 -16.96
N ILE A 397 6.68 20.49 -17.85
CA ILE A 397 5.41 21.09 -17.51
C ILE A 397 4.41 20.29 -18.30
N TYR A 398 3.66 19.43 -17.63
CA TYR A 398 2.80 18.59 -18.35
C TYR A 398 1.37 18.71 -17.88
N LEU A 399 0.48 18.22 -18.72
CA LEU A 399 -0.96 18.21 -18.37
C LEU A 399 -1.52 16.82 -18.53
N MET A 400 -2.31 16.38 -17.55
CA MET A 400 -3.07 15.11 -17.63
C MET A 400 -4.45 15.31 -17.00
N PRO A 401 -5.33 15.99 -17.69
CA PRO A 401 -6.63 16.40 -17.11
C PRO A 401 -7.68 15.33 -17.05
N PRO A 402 -8.74 15.56 -16.28
CA PRO A 402 -9.86 14.65 -16.28
C PRO A 402 -10.44 14.56 -17.68
N TYR A 403 -11.01 13.42 -17.98
CA TYR A 403 -11.55 13.19 -19.30
C TYR A 403 -12.75 14.08 -19.59
N ILE A 404 -13.43 14.52 -18.53
CA ILE A 404 -14.62 15.35 -18.63
C ILE A 404 -14.30 16.85 -18.63
N ILE A 405 -13.03 17.24 -18.69
CA ILE A 405 -12.76 18.66 -18.74
C ILE A 405 -13.41 19.34 -19.95
N LEU A 406 -13.94 20.54 -19.72
CA LEU A 406 -14.53 21.34 -20.79
C LEU A 406 -13.47 22.05 -21.59
N PRO A 407 -13.72 22.21 -22.88
CA PRO A 407 -12.91 23.01 -23.79
C PRO A 407 -12.43 24.34 -23.28
N GLN A 408 -13.26 25.14 -22.64
CA GLN A 408 -12.75 26.39 -22.17
C GLN A 408 -11.84 26.20 -20.94
N GLN A 409 -12.07 25.15 -20.15
CA GLN A 409 -11.23 24.86 -19.02
C GLN A 409 -9.84 24.40 -19.52
N LEU A 410 -9.83 23.48 -20.48
CA LEU A 410 -8.57 23.00 -21.06
C LEU A 410 -7.78 24.16 -21.70
N GLN A 411 -8.50 25.15 -22.21
CA GLN A 411 -7.91 26.34 -22.85
C GLN A 411 -7.14 27.10 -21.76
N ARG A 412 -7.69 27.19 -20.55
CA ARG A 412 -6.92 27.83 -19.51
C ARG A 412 -5.58 27.20 -19.20
N LEU A 413 -5.57 25.88 -19.08
CA LEU A 413 -4.36 25.18 -18.74
C LEU A 413 -3.30 25.50 -19.77
N THR A 414 -3.62 25.22 -21.04
CA THR A 414 -2.67 25.46 -22.12
C THR A 414 -2.22 26.90 -22.28
N ALA A 415 -3.12 27.86 -22.03
CA ALA A 415 -2.72 29.27 -22.13
C ALA A 415 -1.69 29.55 -21.03
N ALA A 416 -1.96 29.06 -19.83
CA ALA A 416 -1.06 29.27 -18.69
C ALA A 416 0.31 28.63 -18.98
N VAL A 417 0.28 27.42 -19.52
CA VAL A 417 1.50 26.75 -19.85
C VAL A 417 2.28 27.62 -20.86
N ASN A 418 1.62 28.07 -21.92
CA ASN A 418 2.29 28.86 -22.95
C ASN A 418 2.84 30.14 -22.36
N ARG A 419 2.09 30.76 -21.45
CA ARG A 419 2.53 32.00 -20.82
C ARG A 419 3.74 31.78 -19.94
N ALA A 420 3.74 30.66 -19.23
CA ALA A 420 4.79 30.37 -18.29
C ALA A 420 6.15 30.22 -18.93
N VAL A 421 6.21 29.58 -20.08
CA VAL A 421 7.49 29.27 -20.68
C VAL A 421 8.12 30.39 -21.50
N GLN A 422 7.72 31.66 -21.32
CA GLN A 422 8.12 32.71 -22.25
C GLN A 422 9.48 33.27 -21.88
N ASP A 423 9.05 33.02 -20.60
CA ASP A 423 9.58 33.97 -19.68
C ASP A 423 10.51 33.50 -18.58
N GLU A 424 12.01 33.37 -18.59
CA GLU A 424 13.06 32.92 -17.71
C GLU A 424 12.73 32.95 -16.23
N THR A 425 11.74 33.79 -15.91
CA THR A 425 11.25 34.03 -14.57
C THR A 425 11.19 32.74 -13.78
N PHE A 426 10.44 31.82 -14.35
CA PHE A 426 10.09 30.60 -13.67
C PHE A 426 11.05 29.44 -13.75
N PHE A 427 12.30 29.70 -14.12
CA PHE A 427 13.27 28.63 -14.28
C PHE A 427 14.59 28.75 -13.55
N CYS A 428 15.22 27.56 -13.45
CA CYS A 428 16.42 27.20 -12.64
C CYS A 428 16.19 27.37 -11.14
N MET B 1 -26.04 -12.74 -4.04
CA MET B 1 -24.85 -13.58 -4.36
C MET B 1 -25.24 -15.03 -4.66
N THR B 2 -25.15 -15.38 -5.93
CA THR B 2 -25.30 -16.73 -6.45
C THR B 2 -24.07 -17.62 -6.36
N THR B 3 -24.31 -18.91 -6.62
CA THR B 3 -23.26 -19.92 -6.59
C THR B 3 -22.35 -19.72 -7.79
N ASP B 4 -22.86 -19.15 -8.88
CA ASP B 4 -21.99 -18.81 -10.00
C ASP B 4 -20.97 -17.72 -9.54
N ASP B 5 -21.40 -16.81 -8.67
CA ASP B 5 -20.49 -15.81 -8.10
C ASP B 5 -19.34 -16.48 -7.36
N LEU B 6 -19.67 -17.50 -6.55
CA LEU B 6 -18.67 -18.21 -5.78
C LEU B 6 -17.71 -19.01 -6.68
N ALA B 7 -18.18 -19.45 -7.84
CA ALA B 7 -17.36 -20.22 -8.77
C ALA B 7 -16.41 -19.24 -9.44
N PHE B 8 -16.93 -18.08 -9.80
CA PHE B 8 -16.06 -17.08 -10.38
C PHE B 8 -14.93 -16.75 -9.40
N ASP B 9 -15.29 -16.54 -8.14
CA ASP B 9 -14.34 -16.17 -7.08
C ASP B 9 -13.25 -17.20 -6.97
N GLN B 10 -13.67 -18.48 -6.89
CA GLN B 10 -12.76 -19.57 -6.70
C GLN B 10 -11.79 -19.72 -7.84
N ARG B 11 -12.25 -19.45 -9.06
CA ARG B 11 -11.44 -19.69 -10.24
C ARG B 11 -10.59 -18.50 -10.73
N HIS B 12 -10.94 -17.28 -10.31
CA HIS B 12 -10.31 -16.08 -10.88
C HIS B 12 -9.80 -15.05 -9.89
N ILE B 13 -10.13 -15.18 -8.62
CA ILE B 13 -9.75 -14.22 -7.60
C ILE B 13 -8.81 -14.80 -6.59
N LEU B 14 -7.57 -14.31 -6.54
CA LEU B 14 -6.64 -14.75 -5.50
C LEU B 14 -7.03 -14.20 -4.14
N HIS B 15 -6.87 -15.00 -3.11
CA HIS B 15 -7.14 -14.58 -1.73
C HIS B 15 -5.81 -14.62 -1.01
N PRO B 16 -5.71 -13.99 0.17
CA PRO B 16 -4.46 -13.94 0.93
C PRO B 16 -3.90 -15.30 1.35
N TYR B 17 -2.64 -15.57 0.98
CA TYR B 17 -1.93 -16.79 1.35
C TYR B 17 -2.80 -18.05 1.18
N THR B 18 -3.36 -18.26 -0.01
CA THR B 18 -4.20 -19.42 -0.26
C THR B 18 -4.12 -19.93 -1.70
N SER B 19 -4.01 -21.27 -1.83
CA SER B 19 -3.83 -21.93 -3.12
C SER B 19 -4.94 -21.62 -4.10
N MET B 20 -4.56 -21.52 -5.35
CA MET B 20 -5.51 -21.31 -6.44
C MET B 20 -5.87 -22.64 -7.09
N THR B 21 -5.12 -23.70 -6.78
CA THR B 21 -5.38 -25.02 -7.37
C THR B 21 -6.11 -25.96 -6.40
N SER B 22 -5.86 -25.81 -5.10
CA SER B 22 -6.55 -26.67 -4.13
C SER B 22 -7.31 -25.82 -3.12
N PRO B 23 -8.39 -25.21 -3.56
CA PRO B 23 -9.15 -24.29 -2.70
C PRO B 23 -9.97 -24.90 -1.56
N LEU B 24 -10.03 -24.11 -0.49
CA LEU B 24 -10.86 -24.38 0.65
C LEU B 24 -12.00 -23.41 0.44
N PRO B 25 -13.15 -23.73 0.98
CA PRO B 25 -14.31 -22.86 0.82
C PRO B 25 -14.16 -21.47 1.42
N VAL B 26 -14.73 -20.47 0.77
CA VAL B 26 -14.81 -19.11 1.33
C VAL B 26 -16.31 -18.81 1.57
N TYR B 27 -16.60 -17.99 2.58
CA TYR B 27 -17.96 -17.65 2.91
C TYR B 27 -18.31 -16.24 2.42
N PRO B 28 -19.39 -16.13 1.66
CA PRO B 28 -19.82 -14.83 1.14
C PRO B 28 -20.46 -13.97 2.20
N VAL B 29 -19.97 -12.76 2.38
CA VAL B 29 -20.54 -11.86 3.36
C VAL B 29 -21.26 -10.74 2.61
N VAL B 30 -22.39 -10.41 3.12
CA VAL B 30 -23.19 -9.41 2.44
C VAL B 30 -23.08 -8.08 3.15
N SER B 31 -23.23 -8.05 4.43
CA SER B 31 -23.20 -6.87 5.28
C SER B 31 -22.55 -7.17 6.58
N ALA B 32 -22.51 -6.16 7.42
CA ALA B 32 -21.98 -6.33 8.76
C ALA B 32 -22.50 -5.21 9.60
N GLU B 33 -22.61 -5.44 10.90
CA GLU B 33 -23.10 -4.42 11.79
C GLU B 33 -22.79 -4.77 13.23
N GLY B 34 -22.40 -3.75 14.00
CA GLY B 34 -21.99 -3.95 15.38
C GLY B 34 -20.86 -4.97 15.40
N CYS B 35 -21.09 -6.09 16.06
CA CYS B 35 -20.09 -7.15 16.15
C CYS B 35 -20.48 -8.36 15.32
N GLU B 36 -21.32 -8.19 14.32
CA GLU B 36 -21.74 -9.35 13.54
C GLU B 36 -21.47 -9.23 12.06
N LEU B 37 -21.13 -10.37 11.45
CA LEU B 37 -21.00 -10.45 10.00
C LEU B 37 -22.29 -11.10 9.55
N ILE B 38 -22.77 -10.71 8.40
CA ILE B 38 -23.98 -11.32 7.91
C ILE B 38 -23.69 -12.00 6.58
N LEU B 39 -23.86 -13.32 6.55
CA LEU B 39 -23.61 -14.08 5.34
C LEU B 39 -24.76 -13.89 4.37
N SER B 40 -24.48 -14.24 3.12
CA SER B 40 -25.43 -14.14 2.02
C SER B 40 -26.66 -14.97 2.28
N ASP B 41 -26.50 -16.09 2.98
CA ASP B 41 -27.63 -16.96 3.30
C ASP B 41 -28.39 -16.47 4.53
N GLY B 42 -28.06 -15.28 5.04
CA GLY B 42 -28.77 -14.71 6.18
C GLY B 42 -28.20 -15.10 7.53
N ARG B 43 -27.30 -16.06 7.55
CA ARG B 43 -26.71 -16.46 8.81
C ARG B 43 -25.92 -15.30 9.40
N ARG B 44 -26.14 -15.09 10.68
CA ARG B 44 -25.46 -14.02 11.36
C ARG B 44 -24.33 -14.59 12.21
N LEU B 45 -23.13 -14.02 12.11
CA LEU B 45 -21.99 -14.49 12.92
C LEU B 45 -21.36 -13.46 13.82
N VAL B 46 -21.00 -13.90 15.02
CA VAL B 46 -20.28 -13.04 15.94
C VAL B 46 -18.82 -13.01 15.47
N ASP B 47 -18.31 -11.81 15.24
CA ASP B 47 -16.95 -11.65 14.75
C ASP B 47 -15.94 -11.74 15.88
N GLY B 48 -15.08 -12.75 15.82
CA GLY B 48 -14.02 -12.85 16.82
C GLY B 48 -12.66 -12.35 16.34
N MET B 49 -12.61 -11.85 15.12
CA MET B 49 -11.35 -11.47 14.49
C MET B 49 -11.10 -9.97 14.32
N SER B 50 -12.16 -9.16 14.31
CA SER B 50 -12.08 -7.71 14.01
C SER B 50 -11.54 -7.46 12.61
N SER B 51 -11.81 -8.40 11.70
CA SER B 51 -11.26 -8.37 10.34
C SER B 51 -9.76 -8.18 10.39
N TRP B 52 -9.09 -9.05 11.13
CA TRP B 52 -7.65 -8.95 11.36
C TRP B 52 -7.25 -7.70 12.13
N TRP B 53 -7.73 -7.64 13.37
CA TRP B 53 -7.32 -6.69 14.38
C TRP B 53 -7.93 -5.28 14.21
N ALA B 54 -8.20 -4.86 12.98
CA ALA B 54 -8.55 -3.47 12.67
C ALA B 54 -9.90 -2.91 13.13
N ALA B 55 -10.98 -3.70 13.07
CA ALA B 55 -12.34 -3.20 13.37
C ALA B 55 -12.60 -3.12 14.87
N ILE B 56 -11.88 -2.22 15.53
CA ILE B 56 -11.97 -2.13 16.98
C ILE B 56 -13.29 -1.53 17.46
N HIS B 57 -13.97 -0.81 16.58
CA HIS B 57 -15.29 -0.26 16.91
C HIS B 57 -16.37 -1.08 16.24
N GLY B 58 -16.03 -2.28 15.80
CA GLY B 58 -17.03 -3.10 15.14
C GLY B 58 -17.31 -2.60 13.74
N TYR B 59 -18.45 -3.01 13.22
CA TYR B 59 -18.86 -2.70 11.86
C TYR B 59 -20.06 -1.76 11.78
N ASN B 60 -20.13 -0.96 10.72
CA ASN B 60 -21.20 0.00 10.58
C ASN B 60 -21.32 0.95 11.81
N HIS B 61 -20.20 1.45 12.36
CA HIS B 61 -20.20 2.39 13.48
C HIS B 61 -20.79 3.71 12.94
N PRO B 62 -21.84 4.24 13.58
CA PRO B 62 -22.49 5.50 13.15
C PRO B 62 -21.54 6.67 13.08
N GLN B 63 -20.64 6.82 14.05
CA GLN B 63 -19.67 7.91 14.03
C GLN B 63 -18.76 7.74 12.76
N LEU B 64 -18.32 6.52 12.46
CA LEU B 64 -17.39 6.30 11.33
C LEU B 64 -18.08 6.58 10.01
N ASN B 65 -19.28 6.02 9.87
CA ASN B 65 -20.09 6.19 8.69
C ASN B 65 -20.37 7.67 8.39
N ALA B 66 -20.79 8.42 9.39
CA ALA B 66 -21.17 9.80 9.15
C ALA B 66 -19.94 10.62 8.75
N ALA B 67 -18.82 10.36 9.41
CA ALA B 67 -17.58 11.05 9.05
C ALA B 67 -17.11 10.71 7.61
N MET B 68 -17.13 9.44 7.20
CA MET B 68 -16.75 9.06 5.84
C MET B 68 -17.66 9.74 4.78
N LYS B 69 -18.97 9.74 5.05
CA LYS B 69 -19.93 10.31 4.13
C LYS B 69 -19.79 11.82 4.00
N SER B 70 -19.54 12.49 5.12
CA SER B 70 -19.34 13.94 5.07
C SER B 70 -18.12 14.26 4.26
N GLN B 71 -17.05 13.45 4.39
CA GLN B 71 -15.82 13.71 3.62
C GLN B 71 -16.05 13.50 2.15
N ILE B 72 -16.88 12.51 1.81
CA ILE B 72 -17.19 12.25 0.41
C ILE B 72 -17.86 13.51 -0.22
N ASP B 73 -18.71 14.19 0.54
CA ASP B 73 -19.41 15.38 0.06
C ASP B 73 -18.44 16.54 -0.19
N ALA B 74 -17.38 16.65 0.59
CA ALA B 74 -16.35 17.67 0.34
C ALA B 74 -15.43 17.19 -0.80
N MET B 75 -14.78 16.05 -0.60
CA MET B 75 -13.88 15.48 -1.60
C MET B 75 -13.32 14.17 -1.03
N SER B 76 -13.49 13.08 -1.75
CA SER B 76 -13.00 11.77 -1.29
C SER B 76 -11.47 11.84 -1.34
N HIS B 77 -10.97 12.38 -2.45
CA HIS B 77 -9.53 12.47 -2.63
C HIS B 77 -9.04 13.68 -3.38
N VAL B 78 -7.83 14.12 -2.99
CA VAL B 78 -7.10 15.12 -3.71
C VAL B 78 -5.60 14.83 -3.47
N MET B 79 -4.73 15.13 -4.43
CA MET B 79 -3.30 14.83 -4.28
C MET B 79 -2.71 15.60 -3.11
N PHE B 80 -1.61 15.09 -2.56
CA PHE B 80 -1.01 15.68 -1.38
C PHE B 80 0.27 16.46 -1.71
N GLY B 81 0.65 16.54 -2.99
CA GLY B 81 1.87 17.26 -3.38
C GLY B 81 1.50 18.70 -3.64
N GLY B 82 2.01 19.61 -2.81
CA GLY B 82 1.68 21.02 -2.96
C GLY B 82 0.31 21.38 -2.40
N ILE B 83 -0.32 20.43 -1.73
CA ILE B 83 -1.65 20.66 -1.21
C ILE B 83 -1.79 20.06 0.16
N THR B 84 -2.64 20.67 0.98
CA THR B 84 -2.97 20.08 2.26
C THR B 84 -4.44 20.27 2.51
N HIS B 85 -4.97 19.61 3.53
CA HIS B 85 -6.38 19.60 3.84
C HIS B 85 -6.64 19.25 5.30
N ALA B 86 -7.81 19.65 5.79
CA ALA B 86 -8.18 19.50 7.20
C ALA B 86 -8.12 18.07 7.73
N PRO B 87 -8.70 17.07 7.05
CA PRO B 87 -8.61 15.70 7.54
C PRO B 87 -7.17 15.29 7.81
N ALA B 88 -6.27 15.63 6.91
CA ALA B 88 -4.89 15.25 7.14
C ALA B 88 -4.33 16.03 8.33
N ILE B 89 -4.59 17.34 8.38
CA ILE B 89 -4.02 18.16 9.49
C ILE B 89 -4.58 17.69 10.83
N GLU B 90 -5.90 17.57 10.90
CA GLU B 90 -6.66 17.05 12.05
C GLU B 90 -6.07 15.67 12.52
N LEU B 91 -5.88 14.72 11.59
CA LEU B 91 -5.33 13.40 11.98
C LEU B 91 -3.89 13.49 12.48
N CYS B 92 -3.08 14.30 11.83
CA CYS B 92 -1.69 14.42 12.26
C CYS B 92 -1.57 15.13 13.62
N ARG B 93 -2.49 16.05 13.89
CA ARG B 93 -2.54 16.68 15.22
C ARG B 93 -2.81 15.65 16.28
N LYS B 94 -3.79 14.77 16.05
CA LYS B 94 -4.11 13.71 17.01
C LYS B 94 -2.98 12.72 17.12
N LEU B 95 -2.40 12.33 16.00
CA LEU B 95 -1.33 11.32 16.05
C LEU B 95 -0.17 11.82 16.90
N VAL B 96 0.23 13.07 16.66
CA VAL B 96 1.35 13.69 17.37
C VAL B 96 1.06 13.81 18.84
N ALA B 97 -0.12 14.32 19.19
CA ALA B 97 -0.46 14.49 20.59
C ALA B 97 -0.57 13.18 21.37
N MET B 98 -1.05 12.12 20.74
CA MET B 98 -1.30 10.85 21.46
C MET B 98 -0.08 9.93 21.61
N THR B 99 0.98 10.19 20.88
CA THR B 99 2.17 9.34 20.93
C THR B 99 3.26 10.03 21.73
N PRO B 100 4.29 9.31 22.12
CA PRO B 100 5.47 9.89 22.78
C PRO B 100 5.88 11.25 22.21
N GLN B 101 6.13 12.18 23.13
CA GLN B 101 6.48 13.57 22.85
C GLN B 101 7.50 13.78 21.77
N PRO B 102 8.57 13.01 21.79
CA PRO B 102 9.60 13.21 20.75
C PRO B 102 9.01 12.89 19.37
N LEU B 103 7.91 12.12 19.27
CA LEU B 103 7.42 11.73 17.93
C LEU B 103 6.49 12.79 17.43
N GLU B 104 6.93 13.58 16.48
CA GLU B 104 6.16 14.76 16.10
C GLU B 104 6.15 15.05 14.62
N CYS B 105 6.73 14.18 13.80
CA CYS B 105 6.68 14.33 12.36
C CYS B 105 5.93 13.14 11.76
N VAL B 106 4.98 13.41 10.88
CA VAL B 106 4.12 12.32 10.37
C VAL B 106 4.25 12.12 8.88
N PHE B 107 4.49 10.89 8.48
CA PHE B 107 4.45 10.55 7.05
C PHE B 107 3.29 9.56 6.85
N LEU B 108 2.19 10.02 6.27
CA LEU B 108 1.00 9.18 6.04
C LEU B 108 1.21 8.26 4.84
N ALA B 109 0.71 7.04 4.88
CA ALA B 109 0.84 6.18 3.69
C ALA B 109 -0.38 5.24 3.49
N ASP B 110 -0.27 4.26 2.59
CA ASP B 110 -1.43 3.45 2.21
C ASP B 110 -1.66 2.13 2.99
N SER B 111 -0.59 1.43 3.28
CA SER B 111 -0.64 0.15 3.90
C SER B 111 0.47 0.06 4.94
N GLY B 112 0.28 -0.94 5.78
CA GLY B 112 1.20 -1.30 6.83
C GLY B 112 2.59 -1.71 6.33
N SER B 113 2.62 -2.51 5.27
CA SER B 113 3.89 -2.90 4.66
C SER B 113 4.64 -1.66 4.17
N VAL B 114 3.89 -0.70 3.62
CA VAL B 114 4.51 0.52 3.15
C VAL B 114 5.00 1.40 4.30
N ALA B 115 4.26 1.46 5.40
CA ALA B 115 4.68 2.27 6.54
C ALA B 115 6.05 1.74 7.03
N VAL B 116 6.21 0.42 7.03
CA VAL B 116 7.45 -0.25 7.40
C VAL B 116 8.58 0.08 6.39
N GLU B 117 8.26 0.03 5.11
CA GLU B 117 9.19 0.40 4.05
C GLU B 117 9.59 1.85 4.30
N VAL B 118 8.63 2.69 4.64
CA VAL B 118 8.95 4.06 4.93
C VAL B 118 9.92 4.17 6.14
N ALA B 119 9.69 3.40 7.21
CA ALA B 119 10.51 3.50 8.42
C ALA B 119 11.97 3.08 8.13
N MET B 120 12.11 2.07 7.30
CA MET B 120 13.40 1.52 6.91
C MET B 120 14.20 2.47 6.02
N LYS B 121 13.54 3.09 5.02
CA LYS B 121 14.16 4.10 4.18
C LYS B 121 14.57 5.32 5.03
N MET B 122 13.72 5.72 5.96
CA MET B 122 14.08 6.80 6.86
C MET B 122 15.39 6.46 7.62
N ALA B 123 15.53 5.22 8.05
CA ALA B 123 16.72 4.82 8.81
C ALA B 123 17.96 4.81 7.89
N LEU B 124 17.81 4.24 6.70
CA LEU B 124 18.89 4.23 5.73
C LEU B 124 19.33 5.65 5.34
N GLN B 125 18.38 6.49 4.93
CA GLN B 125 18.69 7.87 4.58
C GLN B 125 19.27 8.68 5.72
N TYR B 126 18.79 8.45 6.94
CA TYR B 126 19.29 9.16 8.11
C TYR B 126 20.82 8.98 8.23
N TRP B 127 21.27 7.75 8.14
CA TRP B 127 22.69 7.42 8.28
C TRP B 127 23.45 7.83 7.04
N GLN B 128 22.86 7.64 5.88
CA GLN B 128 23.47 8.07 4.63
C GLN B 128 23.78 9.57 4.70
N ALA B 129 22.96 10.34 5.44
CA ALA B 129 23.12 11.79 5.60
C ALA B 129 24.18 12.17 6.63
N LYS B 130 24.38 11.29 7.61
CA LYS B 130 25.38 11.52 8.64
C LYS B 130 26.75 11.01 8.17
N GLY B 131 26.80 10.48 6.94
CA GLY B 131 28.03 10.00 6.35
C GLY B 131 28.51 8.64 6.85
N GLU B 132 27.62 7.89 7.48
CA GLU B 132 27.99 6.59 8.03
C GLU B 132 27.54 5.41 7.16
N ALA B 133 28.28 4.32 7.25
CA ALA B 133 27.99 3.09 6.50
C ALA B 133 27.15 2.09 7.33
N ARG B 134 25.84 2.35 7.48
CA ARG B 134 24.86 1.58 8.23
C ARG B 134 23.77 1.14 7.32
N GLN B 135 23.75 -0.11 6.92
CA GLN B 135 22.71 -0.55 6.01
C GLN B 135 22.04 -1.82 6.47
N ARG B 136 22.37 -2.27 7.66
CA ARG B 136 21.77 -3.51 8.13
C ARG B 136 20.73 -3.22 9.18
N PHE B 137 19.80 -4.14 9.31
CA PHE B 137 18.78 -4.05 10.33
C PHE B 137 18.90 -5.22 11.30
N LEU B 138 18.60 -4.97 12.57
CA LEU B 138 18.58 -6.00 13.60
C LEU B 138 17.15 -6.20 14.08
N THR B 139 16.66 -7.42 13.94
CA THR B 139 15.30 -7.74 14.27
C THR B 139 15.24 -9.05 15.05
N PHE B 140 14.05 -9.41 15.55
CA PHE B 140 13.88 -10.66 16.29
C PHE B 140 13.27 -11.78 15.45
N ARG B 141 13.65 -13.04 15.72
CA ARG B 141 12.99 -14.15 15.04
C ARG B 141 11.50 -14.15 15.47
N ASN B 142 10.65 -14.78 14.65
CA ASN B 142 9.19 -14.81 14.85
C ASN B 142 8.54 -13.43 14.63
N GLY B 143 9.31 -12.48 14.08
CA GLY B 143 8.78 -11.18 13.73
C GLY B 143 8.16 -11.19 12.32
N TYR B 144 7.16 -10.34 12.14
CA TYR B 144 6.51 -10.19 10.84
C TYR B 144 6.25 -8.71 10.65
N HIS B 145 6.65 -8.14 9.53
CA HIS B 145 6.49 -6.72 9.29
C HIS B 145 5.86 -6.33 7.96
N GLY B 146 5.34 -7.31 7.22
CA GLY B 146 4.75 -7.01 5.91
C GLY B 146 5.25 -7.94 4.80
N ASP B 147 4.65 -7.84 3.62
CA ASP B 147 4.96 -8.72 2.48
C ASP B 147 5.74 -8.04 1.37
N THR B 148 5.95 -6.74 1.43
CA THR B 148 6.74 -6.09 0.38
C THR B 148 8.18 -6.54 0.60
N PHE B 149 9.05 -6.32 -0.36
CA PHE B 149 10.41 -6.82 -0.26
C PHE B 149 11.21 -6.32 0.97
N GLY B 150 11.23 -5.02 1.22
CA GLY B 150 11.90 -4.47 2.37
C GLY B 150 11.40 -5.10 3.65
N ALA B 151 10.07 -5.10 3.84
CA ALA B 151 9.45 -5.71 5.00
C ALA B 151 9.82 -7.18 5.11
N MET B 152 9.76 -7.90 4.00
CA MET B 152 10.09 -9.31 4.02
C MET B 152 11.50 -9.51 4.53
N SER B 153 12.40 -8.58 4.22
CA SER B 153 13.81 -8.67 4.63
C SER B 153 13.97 -8.69 6.14
N VAL B 154 12.96 -8.26 6.89
CA VAL B 154 13.06 -8.26 8.36
C VAL B 154 12.05 -9.17 9.04
N CYS B 155 11.42 -10.04 8.27
CA CYS B 155 10.53 -11.05 8.81
C CYS B 155 11.33 -12.34 9.10
N ASP B 156 10.77 -13.23 9.90
CA ASP B 156 11.43 -14.48 10.19
C ASP B 156 11.70 -15.21 8.88
N PRO B 157 12.96 -15.52 8.61
CA PRO B 157 13.35 -16.21 7.38
C PRO B 157 12.64 -17.55 7.23
N ASP B 158 12.30 -18.16 8.35
CA ASP B 158 11.61 -19.43 8.34
C ASP B 158 10.13 -19.22 7.97
N ASN B 159 9.35 -18.58 8.86
CA ASN B 159 7.89 -18.37 8.71
C ASN B 159 7.52 -17.93 7.34
N SER B 160 8.28 -16.95 6.89
CA SER B 160 8.03 -16.38 5.58
C SER B 160 8.75 -17.11 4.44
N MET B 161 9.41 -18.23 4.73
CA MET B 161 10.05 -19.01 3.66
C MET B 161 11.03 -18.19 2.83
N HIS B 162 12.08 -17.68 3.46
CA HIS B 162 13.09 -16.88 2.75
C HIS B 162 13.90 -17.68 1.73
N SER B 163 13.78 -19.01 1.77
CA SER B 163 14.47 -19.86 0.80
C SER B 163 13.93 -19.58 -0.61
N LEU B 164 12.70 -19.09 -0.69
CA LEU B 164 12.10 -18.75 -1.99
C LEU B 164 12.80 -17.56 -2.65
N TRP B 165 13.40 -16.70 -1.83
CA TRP B 165 14.02 -15.48 -2.31
C TRP B 165 15.51 -15.41 -2.01
N LYS B 166 16.06 -16.51 -1.52
CA LYS B 166 17.48 -16.54 -1.17
C LYS B 166 18.29 -16.01 -2.34
N GLY B 167 19.03 -14.93 -2.10
CA GLY B 167 19.85 -14.31 -3.13
C GLY B 167 19.26 -12.99 -3.59
N TYR B 168 17.96 -12.82 -3.39
CA TYR B 168 17.29 -11.58 -3.77
C TYR B 168 17.12 -10.66 -2.57
N LEU B 169 16.62 -11.22 -1.46
CA LEU B 169 16.45 -10.43 -0.25
C LEU B 169 17.80 -10.18 0.40
N PRO B 170 18.00 -8.97 0.91
CA PRO B 170 19.21 -8.66 1.68
C PRO B 170 19.25 -9.52 2.94
N GLU B 171 20.46 -9.85 3.40
CA GLU B 171 20.59 -10.63 4.65
C GLU B 171 20.81 -9.73 5.91
N ASN B 172 19.74 -9.63 6.73
CA ASN B 172 19.74 -8.85 7.99
C ASN B 172 20.06 -9.73 9.21
N LEU B 173 20.04 -9.15 10.39
CA LEU B 173 20.41 -9.86 11.60
C LEU B 173 19.21 -10.25 12.45
N PHE B 174 19.14 -11.52 12.81
CA PHE B 174 18.04 -12.05 13.59
C PHE B 174 18.41 -12.56 14.97
N ALA B 175 18.11 -11.75 15.99
CA ALA B 175 18.29 -12.19 17.37
C ALA B 175 17.21 -13.22 17.65
N PRO B 176 17.40 -14.09 18.65
CA PRO B 176 16.39 -15.11 18.96
C PRO B 176 15.09 -14.48 19.43
N ALA B 177 13.98 -15.19 19.25
CA ALA B 177 12.69 -14.71 19.74
C ALA B 177 12.79 -14.53 21.24
N PRO B 178 12.24 -13.44 21.78
CA PRO B 178 12.22 -13.24 23.22
C PRO B 178 11.48 -14.41 23.88
N GLN B 179 12.04 -14.95 24.97
CA GLN B 179 11.49 -16.13 25.67
C GLN B 179 10.64 -15.79 26.88
N SER B 180 11.06 -14.80 27.64
CA SER B 180 10.33 -14.40 28.83
C SER B 180 8.91 -13.96 28.47
N ARG B 181 7.94 -14.41 29.27
CA ARG B 181 6.52 -14.17 29.00
C ARG B 181 6.00 -12.92 29.66
N MET B 182 4.99 -12.34 29.03
CA MET B 182 4.29 -11.21 29.62
C MET B 182 3.56 -11.69 30.86
N ASP B 183 3.08 -12.98 30.99
CA ASP B 183 2.39 -13.60 32.18
C ASP B 183 3.42 -14.03 33.27
N GLY B 184 4.64 -14.05 32.86
CA GLY B 184 5.71 -14.49 33.72
C GLY B 184 6.77 -13.55 34.20
N GLU B 185 7.92 -14.14 34.52
CA GLU B 185 9.04 -13.40 35.07
C GLU B 185 10.11 -13.17 34.04
N TRP B 186 11.03 -12.27 34.39
CA TRP B 186 12.14 -11.93 33.51
C TRP B 186 13.28 -12.95 33.66
N ASP B 187 13.95 -13.26 32.55
CA ASP B 187 15.12 -14.14 32.57
C ASP B 187 16.29 -13.45 31.83
N GLU B 188 17.39 -13.14 32.52
CA GLU B 188 18.48 -12.34 31.93
C GLU B 188 19.27 -13.07 30.91
N ARG B 189 18.97 -14.33 30.82
CA ARG B 189 19.57 -15.13 29.82
C ARG B 189 18.96 -14.90 28.45
N ASP B 190 17.70 -14.45 28.45
CA ASP B 190 17.00 -14.09 27.23
C ASP B 190 17.85 -13.18 26.34
N MET B 191 18.57 -12.26 26.97
CA MET B 191 19.33 -11.24 26.26
C MET B 191 20.67 -11.62 25.62
N VAL B 192 21.19 -12.83 25.86
CA VAL B 192 22.55 -13.15 25.37
C VAL B 192 22.67 -13.07 23.83
N GLY B 193 21.75 -13.68 23.10
CA GLY B 193 21.78 -13.66 21.64
C GLY B 193 21.79 -12.23 21.10
N PHE B 194 20.84 -11.43 21.56
CA PHE B 194 20.73 -10.04 21.10
C PHE B 194 22.01 -9.26 21.42
N ALA B 195 22.51 -9.45 22.63
CA ALA B 195 23.71 -8.78 23.07
C ALA B 195 24.88 -9.16 22.18
N ARG B 196 24.96 -10.44 21.82
CA ARG B 196 26.04 -10.97 20.98
C ARG B 196 26.02 -10.30 19.61
N LEU B 197 24.85 -10.27 18.96
CA LEU B 197 24.71 -9.64 17.65
C LEU B 197 25.07 -8.16 17.67
N MET B 198 24.63 -7.45 18.68
CA MET B 198 24.94 -6.02 18.75
C MET B 198 26.47 -5.72 18.85
N ALA B 199 27.19 -6.49 19.67
CA ALA B 199 28.63 -6.30 19.84
C ALA B 199 29.36 -6.53 18.54
N ALA B 200 29.06 -7.64 17.89
CA ALA B 200 29.67 -8.00 16.61
C ALA B 200 29.33 -7.05 15.46
N HIS B 201 28.17 -6.42 15.48
CA HIS B 201 27.76 -5.57 14.35
C HIS B 201 27.30 -4.15 14.69
N ARG B 202 27.49 -3.73 15.93
CA ARG B 202 27.02 -2.41 16.36
C ARG B 202 27.31 -1.28 15.36
N HIS B 203 28.32 -1.46 14.53
CA HIS B 203 28.79 -0.40 13.65
C HIS B 203 28.02 -0.32 12.32
N GLU B 204 27.50 -1.46 11.82
CA GLU B 204 26.78 -1.51 10.51
C GLU B 204 25.24 -1.54 10.62
N ILE B 205 24.72 -1.46 11.84
CA ILE B 205 23.27 -1.53 12.05
C ILE B 205 22.62 -0.15 11.96
N ALA B 206 21.69 0.02 11.03
CA ALA B 206 20.99 1.30 10.87
C ALA B 206 19.87 1.43 11.91
N ALA B 207 19.23 0.31 12.22
CA ALA B 207 18.18 0.33 13.22
C ALA B 207 17.83 -1.02 13.77
N VAL B 208 17.14 -0.98 14.90
CA VAL B 208 16.53 -2.14 15.49
C VAL B 208 15.01 -1.99 15.22
N ILE B 209 14.38 -3.04 14.73
CA ILE B 209 12.94 -3.07 14.49
C ILE B 209 12.32 -4.27 15.16
N ILE B 210 11.22 -4.04 15.86
CA ILE B 210 10.47 -5.08 16.51
C ILE B 210 9.01 -4.71 16.69
N GLU B 211 8.19 -5.73 16.95
CA GLU B 211 6.83 -5.55 17.36
C GLU B 211 6.87 -5.49 18.89
N PRO B 212 6.40 -4.42 19.51
CA PRO B 212 6.37 -4.39 20.97
C PRO B 212 5.37 -5.37 21.62
N ILE B 213 5.91 -6.16 22.55
CA ILE B 213 5.14 -7.09 23.37
C ILE B 213 4.47 -8.26 22.63
N VAL B 214 3.75 -7.98 21.56
CA VAL B 214 3.10 -9.07 20.84
C VAL B 214 3.70 -9.26 19.45
N GLN B 215 4.20 -10.45 19.19
CA GLN B 215 4.64 -10.77 17.86
C GLN B 215 3.46 -11.49 17.28
N GLY B 216 2.90 -10.90 16.25
CA GLY B 216 1.66 -11.40 15.69
C GLY B 216 1.68 -12.55 14.71
N ALA B 217 1.81 -12.21 13.44
CA ALA B 217 1.79 -13.18 12.36
C ALA B 217 2.83 -14.28 12.55
N GLY B 218 3.72 -14.06 13.49
CA GLY B 218 4.81 -15.00 13.71
C GLY B 218 4.59 -15.93 14.88
N GLY B 219 3.38 -15.96 15.44
CA GLY B 219 3.07 -16.87 16.52
C GLY B 219 2.19 -16.32 17.65
N MET B 220 1.70 -15.09 17.50
CA MET B 220 0.89 -14.45 18.53
C MET B 220 1.57 -14.62 19.89
N ARG B 221 2.87 -14.33 19.94
CA ARG B 221 3.63 -14.44 21.17
C ARG B 221 3.56 -13.14 21.96
N MET B 222 3.58 -13.28 23.28
CA MET B 222 3.52 -12.15 24.19
C MET B 222 4.73 -12.25 25.10
N TYR B 223 5.63 -11.28 24.99
CA TYR B 223 6.87 -11.32 25.74
C TYR B 223 6.96 -10.22 26.76
N HIS B 224 7.88 -10.41 27.69
CA HIS B 224 8.15 -9.52 28.79
C HIS B 224 8.49 -8.07 28.39
N PRO B 225 7.86 -7.06 29.00
CA PRO B 225 8.16 -5.66 28.67
C PRO B 225 9.58 -5.25 28.97
N GLU B 226 10.24 -5.98 29.87
CA GLU B 226 11.62 -5.72 30.23
C GLU B 226 12.44 -5.71 28.94
N TRP B 227 11.97 -6.42 27.93
CA TRP B 227 12.70 -6.47 26.66
C TRP B 227 12.84 -5.10 26.01
N LEU B 228 11.73 -4.39 25.89
CA LEU B 228 11.74 -3.07 25.28
C LEU B 228 12.58 -2.06 26.08
N LYS B 229 12.47 -2.14 27.40
CA LYS B 229 13.23 -1.28 28.28
C LYS B 229 14.72 -1.45 27.90
N ARG B 230 15.15 -2.71 27.81
CA ARG B 230 16.52 -3.05 27.50
C ARG B 230 16.91 -2.54 26.11
N ILE B 231 16.15 -2.94 25.09
CA ILE B 231 16.46 -2.53 23.73
C ILE B 231 16.55 -1.02 23.58
N ARG B 232 15.64 -0.28 24.20
CA ARG B 232 15.66 1.18 24.09
C ARG B 232 16.97 1.76 24.59
N LYS B 233 17.48 1.23 25.71
CA LYS B 233 18.74 1.71 26.33
C LYS B 233 19.96 1.32 25.50
N ILE B 234 19.97 0.10 25.00
CA ILE B 234 21.06 -0.37 24.17
C ILE B 234 21.17 0.53 22.94
N CYS B 235 20.02 0.80 22.32
CA CYS B 235 19.95 1.68 21.15
C CYS B 235 20.45 3.06 21.51
N ASP B 236 20.07 3.56 22.68
CA ASP B 236 20.52 4.87 23.14
C ASP B 236 22.03 4.92 23.30
N ARG B 237 22.60 3.89 23.92
CA ARG B 237 24.04 3.82 24.14
C ARG B 237 24.86 3.73 22.85
N GLU B 238 24.34 2.98 21.88
CA GLU B 238 25.05 2.74 20.61
C GLU B 238 24.77 3.77 19.55
N GLY B 239 23.83 4.67 19.82
CA GLY B 239 23.44 5.67 18.87
C GLY B 239 22.60 5.08 17.74
N ILE B 240 21.99 3.92 17.96
CA ILE B 240 21.18 3.26 16.92
C ILE B 240 19.68 3.62 17.00
N LEU B 241 19.00 3.66 15.86
CA LEU B 241 17.57 4.02 15.83
C LEU B 241 16.67 2.83 16.17
N LEU B 242 15.63 3.08 16.95
CA LEU B 242 14.65 2.05 17.27
C LEU B 242 13.33 2.26 16.47
N ILE B 243 12.94 1.25 15.68
CA ILE B 243 11.68 1.23 14.90
C ILE B 243 10.70 0.31 15.62
N ALA B 244 9.59 0.87 16.08
CA ALA B 244 8.56 0.05 16.70
C ALA B 244 7.41 -0.12 15.71
N ASP B 245 7.09 -1.36 15.41
CA ASP B 245 5.99 -1.64 14.48
C ASP B 245 4.78 -1.95 15.31
N GLU B 246 3.91 -0.97 15.46
CA GLU B 246 2.70 -1.14 16.23
C GLU B 246 1.50 -1.22 15.26
N ILE B 247 1.73 -1.77 14.06
CA ILE B 247 0.65 -1.88 13.08
C ILE B 247 -0.50 -2.73 13.67
N ALA B 248 -0.16 -3.81 14.39
CA ALA B 248 -1.16 -4.67 15.04
C ALA B 248 -1.53 -4.21 16.44
N THR B 249 -0.53 -3.79 17.22
CA THR B 249 -0.76 -3.43 18.62
C THR B 249 -1.27 -2.00 18.89
N GLY B 250 -1.14 -1.11 17.94
CA GLY B 250 -1.57 0.26 18.19
C GLY B 250 -3.04 0.43 18.58
N PHE B 251 -3.33 1.52 19.27
CA PHE B 251 -4.70 1.91 19.63
C PHE B 251 -5.47 0.98 20.58
N GLY B 252 -4.82 0.55 21.66
CA GLY B 252 -5.49 -0.11 22.75
C GLY B 252 -5.61 -1.62 22.79
N ARG B 253 -5.22 -2.31 21.75
CA ARG B 253 -5.43 -3.74 21.68
C ARG B 253 -4.81 -4.50 22.88
N THR B 254 -3.63 -4.08 23.31
CA THR B 254 -2.94 -4.81 24.38
C THR B 254 -3.29 -4.32 25.78
N GLY B 255 -4.24 -3.41 25.92
CA GLY B 255 -4.56 -2.86 27.23
C GLY B 255 -4.05 -1.45 27.43
N LYS B 256 -3.00 -1.06 26.72
CA LYS B 256 -2.53 0.30 26.73
C LYS B 256 -2.66 0.91 25.33
N LEU B 257 -2.73 2.24 25.24
CA LEU B 257 -2.96 2.92 23.97
C LEU B 257 -2.00 2.45 22.90
N PHE B 258 -0.71 2.45 23.23
CA PHE B 258 0.34 1.88 22.38
C PHE B 258 1.07 0.90 23.25
N ALA B 259 1.45 -0.25 22.70
CA ALA B 259 2.09 -1.27 23.51
C ALA B 259 3.41 -0.79 24.02
N CYS B 260 4.02 0.21 23.41
CA CYS B 260 5.28 0.67 23.94
C CYS B 260 5.14 1.14 25.40
N GLU B 261 3.92 1.58 25.77
CA GLU B 261 3.62 2.07 27.10
C GLU B 261 3.84 0.97 28.18
N HIS B 262 3.79 -0.30 27.80
CA HIS B 262 4.04 -1.39 28.74
C HIS B 262 5.44 -1.29 29.26
N ALA B 263 6.29 -0.55 28.57
CA ALA B 263 7.66 -0.40 28.99
C ALA B 263 7.97 1.05 29.26
N GLU B 264 7.01 1.93 29.00
CA GLU B 264 7.23 3.38 29.13
C GLU B 264 8.45 3.86 28.35
N ILE B 265 8.64 3.34 27.16
CA ILE B 265 9.70 3.82 26.28
C ILE B 265 9.09 4.40 25.01
N ALA B 266 9.88 5.19 24.28
CA ALA B 266 9.45 5.77 23.03
C ALA B 266 10.45 5.36 21.99
N PRO B 267 9.99 4.94 20.83
CA PRO B 267 10.87 4.59 19.73
C PRO B 267 11.27 5.82 18.95
N ASP B 268 12.20 5.70 18.01
CA ASP B 268 12.59 6.79 17.14
C ASP B 268 11.62 6.92 15.97
N ILE B 269 11.19 5.75 15.47
CA ILE B 269 10.26 5.62 14.34
C ILE B 269 9.15 4.66 14.77
N LEU B 270 7.89 5.07 14.56
CA LEU B 270 6.73 4.32 14.98
C LEU B 270 5.78 4.14 13.78
N CYS B 271 5.40 2.89 13.49
CA CYS B 271 4.57 2.56 12.34
C CYS B 271 3.19 2.18 12.83
N LEU B 272 2.15 2.80 12.27
CA LEU B 272 0.78 2.49 12.65
C LEU B 272 -0.07 2.13 11.43
N GLY B 273 -1.12 1.35 11.68
CA GLY B 273 -2.04 0.95 10.65
C GLY B 273 -3.29 0.37 11.29
N LYS B 274 -3.90 -0.59 10.59
CA LYS B 274 -5.04 -1.35 11.03
C LYS B 274 -6.11 -0.55 11.76
N ALA B 275 -6.11 -0.58 13.08
CA ALA B 275 -7.11 0.11 13.88
C ALA B 275 -7.11 1.62 13.70
N LEU B 276 -6.11 2.16 13.01
CA LEU B 276 -6.03 3.60 12.74
C LEU B 276 -7.33 4.11 12.12
N THR B 277 -7.88 3.37 11.15
CA THR B 277 -9.12 3.83 10.50
C THR B 277 -10.36 3.18 11.04
N GLY B 278 -10.22 2.45 12.15
CA GLY B 278 -11.30 1.67 12.69
C GLY B 278 -11.62 0.52 11.74
N GLY B 279 -10.65 0.14 10.93
CA GLY B 279 -10.80 -0.97 10.00
C GLY B 279 -11.84 -0.74 8.92
N THR B 280 -11.94 0.49 8.42
CA THR B 280 -12.92 0.84 7.39
C THR B 280 -12.29 0.82 5.98
N MET B 281 -10.97 1.02 5.93
CA MET B 281 -10.24 1.14 4.69
C MET B 281 -8.75 1.25 5.03
N THR B 282 -7.90 0.98 4.06
CA THR B 282 -6.47 0.98 4.34
C THR B 282 -5.91 2.39 4.51
N LEU B 283 -5.13 2.56 5.56
CA LEU B 283 -4.35 3.78 5.78
C LEU B 283 -3.26 3.42 6.73
N SER B 284 -2.10 4.04 6.60
CA SER B 284 -1.05 3.82 7.56
C SER B 284 -0.31 5.13 7.92
N ALA B 285 0.48 5.12 8.99
CA ALA B 285 1.26 6.30 9.38
C ALA B 285 2.60 5.90 10.00
N THR B 286 3.64 6.61 9.63
CA THR B 286 4.94 6.41 10.19
C THR B 286 5.33 7.71 10.84
N LEU B 287 5.44 7.71 12.15
CA LEU B 287 5.83 8.91 12.83
C LEU B 287 7.32 8.83 13.16
N THR B 288 8.00 9.97 13.17
CA THR B 288 9.38 9.96 13.60
C THR B 288 9.74 11.21 14.43
N THR B 289 11.03 11.36 14.71
CA THR B 289 11.49 12.49 15.49
C THR B 289 11.95 13.61 14.59
N ARG B 290 11.95 14.80 15.16
CA ARG B 290 12.43 15.96 14.47
C ARG B 290 13.87 15.74 14.05
N GLU B 291 14.64 15.07 14.91
CA GLU B 291 16.04 14.77 14.62
C GLU B 291 16.16 13.96 13.36
N VAL B 292 15.38 12.88 13.26
CA VAL B 292 15.42 12.06 12.07
C VAL B 292 14.90 12.82 10.84
N ALA B 293 13.74 13.47 10.97
CA ALA B 293 13.10 14.12 9.82
C ALA B 293 13.98 15.23 9.22
N GLU B 294 14.63 16.01 10.08
CA GLU B 294 15.49 17.10 9.61
C GLU B 294 16.79 16.60 9.00
N THR B 295 17.41 15.63 9.64
CA THR B 295 18.67 15.11 9.15
C THR B 295 18.53 14.68 7.70
N ILE B 296 17.49 13.91 7.40
CA ILE B 296 17.27 13.38 6.06
C ILE B 296 17.15 14.49 5.03
N SER B 297 16.38 15.52 5.36
CA SER B 297 16.16 16.63 4.45
C SER B 297 17.44 17.43 4.15
N ASN B 298 18.44 17.34 5.03
CA ASN B 298 19.71 18.07 4.86
C ASN B 298 20.77 17.23 4.09
N GLY B 299 20.46 15.97 3.79
CA GLY B 299 21.38 15.12 3.04
C GLY B 299 21.34 15.38 1.54
N GLU B 300 22.15 14.63 0.78
CA GLU B 300 22.17 14.71 -0.68
C GLU B 300 20.80 14.89 -1.36
N ALA B 301 19.92 13.89 -1.17
CA ALA B 301 18.58 13.83 -1.74
C ALA B 301 17.88 15.18 -1.63
N GLY B 302 17.73 15.64 -0.41
CA GLY B 302 17.16 16.95 -0.15
C GLY B 302 15.83 16.77 0.46
N CYS B 303 15.44 15.52 0.43
CA CYS B 303 14.15 15.21 0.92
C CYS B 303 14.04 13.73 1.13
N PHE B 304 13.16 13.36 2.06
CA PHE B 304 12.88 11.98 2.26
C PHE B 304 12.22 11.55 0.94
N MET B 305 12.86 10.62 0.25
CA MET B 305 12.45 10.16 -1.07
C MET B 305 11.30 9.14 -1.13
N HIS B 306 10.09 9.57 -0.79
CA HIS B 306 8.91 8.69 -0.85
C HIS B 306 7.65 9.51 -1.01
N GLY B 307 6.65 8.96 -1.69
CA GLY B 307 5.46 9.71 -2.00
C GLY B 307 4.46 8.92 -2.82
N PRO B 308 3.65 8.12 -2.18
CA PRO B 308 2.64 7.31 -2.87
C PRO B 308 1.53 8.16 -3.45
N THR B 309 0.93 7.68 -4.53
CA THR B 309 -0.12 8.44 -5.22
C THR B 309 -1.23 8.96 -4.34
N PHE B 310 -1.76 8.09 -3.50
CA PHE B 310 -2.91 8.44 -2.68
C PHE B 310 -2.55 8.93 -1.26
N MET B 311 -1.28 9.23 -1.04
CA MET B 311 -0.82 9.75 0.23
C MET B 311 -1.76 10.79 0.79
N GLY B 312 -2.09 10.69 2.08
CA GLY B 312 -2.92 11.68 2.73
C GLY B 312 -4.41 11.59 2.43
N ASN B 313 -4.85 10.55 1.70
CA ASN B 313 -6.24 10.42 1.30
C ASN B 313 -7.25 11.02 2.30
N PRO B 314 -7.94 12.10 1.93
CA PRO B 314 -8.96 12.70 2.78
C PRO B 314 -9.98 11.74 3.36
N LEU B 315 -10.47 10.82 2.56
CA LEU B 315 -11.51 9.93 3.02
C LEU B 315 -11.03 9.09 4.17
N ALA B 316 -9.89 8.47 3.97
CA ALA B 316 -9.32 7.59 5.00
C ALA B 316 -8.90 8.41 6.21
N CYS B 317 -8.39 9.62 6.00
CA CYS B 317 -8.00 10.48 7.14
C CYS B 317 -9.26 10.82 7.96
N ALA B 318 -10.36 11.09 7.29
CA ALA B 318 -11.60 11.41 8.00
C ALA B 318 -12.08 10.25 8.82
N ALA B 319 -12.00 9.04 8.28
CA ALA B 319 -12.42 7.86 9.02
C ALA B 319 -11.51 7.68 10.23
N ALA B 320 -10.20 7.82 10.00
CA ALA B 320 -9.23 7.67 11.05
C ALA B 320 -9.48 8.71 12.13
N ASN B 321 -9.80 9.94 11.74
CA ASN B 321 -10.11 10.98 12.73
C ASN B 321 -11.33 10.60 13.58
N ALA B 322 -12.37 10.06 12.94
CA ALA B 322 -13.54 9.60 13.67
C ALA B 322 -13.19 8.44 14.59
N SER B 323 -12.29 7.57 14.16
CA SER B 323 -11.93 6.42 14.97
C SER B 323 -11.18 6.87 16.22
N LEU B 324 -10.28 7.84 16.06
CA LEU B 324 -9.53 8.34 17.21
C LEU B 324 -10.44 9.15 18.17
N ALA B 325 -11.44 9.83 17.62
CA ALA B 325 -12.40 10.59 18.44
C ALA B 325 -13.14 9.65 19.40
N ILE B 326 -13.55 8.48 18.90
CA ILE B 326 -14.15 7.45 19.76
C ILE B 326 -13.20 7.07 20.88
N LEU B 327 -11.93 6.82 20.54
CA LEU B 327 -10.94 6.45 21.54
C LEU B 327 -10.67 7.56 22.56
N GLU B 328 -10.83 8.82 22.16
CA GLU B 328 -10.62 9.97 23.05
C GLU B 328 -11.55 9.93 24.29
N SER B 329 -12.70 9.28 24.15
CA SER B 329 -13.65 9.13 25.25
C SER B 329 -13.06 8.31 26.38
N GLY B 330 -12.19 7.37 26.04
CA GLY B 330 -11.52 6.57 27.06
C GLY B 330 -12.28 5.32 27.37
N ASP B 331 -13.50 5.21 26.86
CA ASP B 331 -14.34 4.05 27.08
C ASP B 331 -13.57 2.72 26.75
N TRP B 332 -12.59 2.77 25.84
CA TRP B 332 -11.81 1.58 25.44
C TRP B 332 -11.01 0.96 26.58
N GLN B 333 -10.48 1.78 27.50
CA GLN B 333 -9.65 1.30 28.61
C GLN B 333 -10.42 0.25 29.41
N GLN B 334 -11.66 0.59 29.71
CA GLN B 334 -12.52 -0.31 30.46
C GLN B 334 -12.96 -1.55 29.64
N GLN B 335 -13.29 -1.38 28.34
CA GLN B 335 -13.76 -2.47 27.43
C GLN B 335 -12.70 -3.53 27.27
N VAL B 336 -11.51 -3.06 26.99
CA VAL B 336 -10.39 -3.96 26.83
C VAL B 336 -10.11 -4.67 28.16
N ALA B 337 -10.09 -3.94 29.28
CA ALA B 337 -9.81 -4.59 30.58
C ALA B 337 -10.82 -5.67 30.92
N ASP B 338 -12.08 -5.42 30.61
CA ASP B 338 -13.12 -6.40 30.87
C ASP B 338 -13.02 -7.59 29.89
N ILE B 339 -12.56 -7.31 28.69
CA ILE B 339 -12.42 -8.37 27.73
C ILE B 339 -11.30 -9.28 28.24
N GLU B 340 -10.23 -8.67 28.74
CA GLU B 340 -9.09 -9.38 29.30
C GLU B 340 -9.50 -10.39 30.39
N VAL B 341 -10.26 -9.91 31.37
CA VAL B 341 -10.75 -10.78 32.44
C VAL B 341 -11.64 -11.93 31.90
N GLN B 342 -12.56 -11.67 30.96
CA GLN B 342 -13.43 -12.73 30.42
C GLN B 342 -12.66 -13.76 29.57
N LEU B 343 -11.62 -13.35 28.86
CA LEU B 343 -10.87 -14.30 28.04
C LEU B 343 -10.04 -15.21 28.96
N ARG B 344 -9.38 -14.61 29.97
CA ARG B 344 -8.64 -15.37 30.99
C ARG B 344 -9.54 -16.42 31.64
N GLU B 345 -10.69 -16.02 32.16
CA GLU B 345 -11.62 -16.91 32.85
C GLU B 345 -12.19 -18.01 31.93
N GLN B 346 -12.66 -17.64 30.75
CA GLN B 346 -13.38 -18.57 29.86
C GLN B 346 -12.51 -19.44 28.95
N LEU B 347 -11.25 -19.08 28.76
CA LEU B 347 -10.31 -19.91 28.01
C LEU B 347 -9.45 -20.74 28.97
N ALA B 348 -9.39 -20.37 30.26
CA ALA B 348 -8.61 -21.10 31.26
C ALA B 348 -8.89 -22.60 31.22
N PRO B 349 -10.15 -23.00 31.10
CA PRO B 349 -10.50 -24.41 31.02
C PRO B 349 -9.86 -25.15 29.86
N ALA B 350 -9.49 -24.44 28.80
CA ALA B 350 -8.89 -25.07 27.63
C ALA B 350 -7.54 -25.70 27.91
N ARG B 351 -6.84 -25.14 28.89
CA ARG B 351 -5.51 -25.65 29.21
C ARG B 351 -5.56 -27.17 29.49
N ASP B 352 -6.74 -27.66 29.87
CA ASP B 352 -6.89 -29.06 30.28
C ASP B 352 -7.28 -29.96 29.14
N ALA B 353 -7.45 -29.39 27.94
CA ALA B 353 -7.78 -30.17 26.76
C ALA B 353 -6.50 -30.84 26.21
N GLU B 354 -6.62 -32.04 25.65
CA GLU B 354 -5.44 -32.81 25.13
C GLU B 354 -4.73 -32.07 24.00
N MET B 355 -5.52 -31.48 23.11
CA MET B 355 -5.04 -30.79 21.92
C MET B 355 -4.38 -29.45 22.20
N VAL B 356 -4.44 -28.99 23.43
CA VAL B 356 -3.96 -27.64 23.68
C VAL B 356 -2.55 -27.62 24.27
N ALA B 357 -1.72 -26.68 23.80
CA ALA B 357 -0.35 -26.52 24.27
C ALA B 357 -0.18 -25.33 25.20
N ASP B 358 -0.91 -24.26 24.95
CA ASP B 358 -0.79 -23.05 25.75
C ASP B 358 -1.99 -22.10 25.55
N VAL B 359 -2.40 -21.45 26.63
CA VAL B 359 -3.44 -20.45 26.61
C VAL B 359 -2.79 -19.21 27.15
N ARG B 360 -2.87 -18.11 26.39
CA ARG B 360 -2.31 -16.83 26.83
C ARG B 360 -3.23 -15.68 26.40
N VAL B 361 -3.24 -14.65 27.24
CA VAL B 361 -4.15 -13.54 27.06
C VAL B 361 -3.51 -12.22 27.46
N LEU B 362 -3.73 -11.20 26.64
CA LEU B 362 -3.27 -9.83 26.89
C LEU B 362 -4.26 -8.85 26.25
N GLY B 363 -4.83 -7.97 27.08
CA GLY B 363 -5.82 -7.02 26.61
C GLY B 363 -6.94 -7.75 25.87
N ALA B 364 -7.25 -7.33 24.65
CA ALA B 364 -8.33 -7.95 23.88
C ALA B 364 -7.75 -8.93 22.86
N ILE B 365 -6.79 -9.74 23.29
CA ILE B 365 -6.19 -10.79 22.48
C ILE B 365 -6.19 -12.04 23.33
N GLY B 366 -6.83 -13.09 22.85
CA GLY B 366 -6.84 -14.34 23.58
C GLY B 366 -6.39 -15.43 22.65
N VAL B 367 -5.38 -16.19 23.07
CA VAL B 367 -4.76 -17.19 22.21
C VAL B 367 -4.75 -18.60 22.79
N VAL B 368 -5.21 -19.55 22.00
CA VAL B 368 -5.10 -20.96 22.39
C VAL B 368 -4.17 -21.62 21.39
N GLU B 369 -2.96 -21.90 21.86
CA GLU B 369 -1.97 -22.58 21.03
C GLU B 369 -2.11 -24.12 21.14
N THR B 370 -2.24 -24.80 20.00
CA THR B 370 -2.46 -26.24 20.01
C THR B 370 -1.20 -27.05 19.65
N THR B 371 -1.29 -28.38 19.82
CA THR B 371 -0.14 -29.27 19.64
C THR B 371 0.01 -29.68 18.20
N HIS B 372 -1.11 -29.72 17.49
CA HIS B 372 -1.15 -30.06 16.08
C HIS B 372 -1.82 -28.93 15.33
N PRO B 373 -1.58 -28.88 14.04
CA PRO B 373 -2.18 -27.88 13.15
C PRO B 373 -3.66 -28.11 12.92
N VAL B 374 -4.43 -27.04 12.72
CA VAL B 374 -5.87 -27.16 12.47
C VAL B 374 -6.16 -27.55 11.01
N ASN B 375 -7.27 -28.25 10.82
CA ASN B 375 -7.76 -28.59 9.52
C ASN B 375 -8.67 -27.45 9.12
N MET B 376 -8.18 -26.59 8.25
CA MET B 376 -8.85 -25.34 7.95
C MET B 376 -10.27 -25.49 7.48
N ALA B 377 -10.50 -26.29 6.45
CA ALA B 377 -11.85 -26.42 5.91
C ALA B 377 -12.82 -26.94 6.97
N ALA B 378 -12.36 -27.85 7.81
CA ALA B 378 -13.21 -28.46 8.82
C ALA B 378 -13.49 -27.55 10.01
N LEU B 379 -12.45 -26.98 10.60
CA LEU B 379 -12.64 -26.12 11.78
C LEU B 379 -13.44 -24.84 11.46
N GLN B 380 -13.25 -24.30 10.25
CA GLN B 380 -13.95 -23.10 9.84
C GLN B 380 -15.45 -23.36 9.72
N LYS B 381 -15.79 -24.52 9.19
CA LYS B 381 -17.18 -24.92 9.01
C LYS B 381 -17.82 -25.06 10.37
N PHE B 382 -17.06 -25.64 11.32
CA PHE B 382 -17.56 -25.80 12.67
C PHE B 382 -17.84 -24.47 13.38
N PHE B 383 -16.94 -23.50 13.18
CA PHE B 383 -17.07 -22.20 13.83
C PHE B 383 -18.30 -21.49 13.27
N VAL B 384 -18.45 -21.51 11.95
CA VAL B 384 -19.59 -20.90 11.25
C VAL B 384 -20.94 -21.49 11.74
N GLU B 385 -20.98 -22.80 11.90
CA GLU B 385 -22.15 -23.54 12.39
C GLU B 385 -22.48 -23.19 13.83
N GLN B 386 -21.50 -22.72 14.60
CA GLN B 386 -21.76 -22.26 15.95
C GLN B 386 -22.20 -20.80 15.94
N GLY B 387 -22.25 -20.19 14.77
CA GLY B 387 -22.61 -18.79 14.66
C GLY B 387 -21.46 -17.83 14.98
N VAL B 388 -20.20 -18.23 14.80
CA VAL B 388 -19.05 -17.35 15.09
C VAL B 388 -18.07 -17.31 13.92
N TRP B 389 -17.42 -16.17 13.75
CA TRP B 389 -16.38 -16.07 12.74
C TRP B 389 -15.06 -16.04 13.48
N ILE B 390 -14.35 -17.15 13.43
CA ILE B 390 -13.02 -17.27 14.04
C ILE B 390 -12.18 -17.90 12.95
N ARG B 391 -11.03 -17.31 12.65
CA ARG B 391 -10.17 -17.77 11.56
C ARG B 391 -8.85 -18.22 12.14
N PRO B 392 -8.71 -19.49 12.38
CA PRO B 392 -7.51 -20.00 13.02
C PRO B 392 -6.38 -20.03 12.01
N PHE B 393 -5.16 -20.21 12.50
CA PHE B 393 -4.02 -20.23 11.59
C PHE B 393 -2.92 -21.13 12.18
N GLY B 394 -2.59 -22.22 11.48
CA GLY B 394 -1.60 -23.19 11.94
C GLY B 394 -2.00 -23.89 13.22
N LYS B 395 -1.31 -23.60 14.31
CA LYS B 395 -1.61 -24.18 15.61
C LYS B 395 -2.25 -23.14 16.54
N LEU B 396 -2.65 -22.00 15.98
CA LEU B 396 -3.20 -20.91 16.78
C LEU B 396 -4.68 -20.75 16.56
N ILE B 397 -5.44 -20.86 17.62
CA ILE B 397 -6.85 -20.52 17.55
C ILE B 397 -6.94 -19.29 18.44
N TYR B 398 -7.19 -18.12 17.86
CA TYR B 398 -7.18 -16.89 18.65
C TYR B 398 -8.40 -15.96 18.44
N LEU B 399 -8.57 -15.03 19.38
CA LEU B 399 -9.61 -14.03 19.37
C LEU B 399 -9.02 -12.65 19.60
N MET B 400 -9.54 -11.68 18.85
CA MET B 400 -9.22 -10.26 18.96
C MET B 400 -10.50 -9.56 18.54
N PRO B 401 -11.48 -9.59 19.42
CA PRO B 401 -12.79 -9.03 19.13
C PRO B 401 -12.83 -7.52 19.20
N PRO B 402 -13.84 -6.93 18.58
CA PRO B 402 -14.04 -5.49 18.70
C PRO B 402 -14.22 -5.15 20.17
N TYR B 403 -13.80 -3.94 20.54
CA TYR B 403 -13.84 -3.51 21.91
C TYR B 403 -15.27 -3.34 22.42
N ILE B 404 -16.23 -3.22 21.50
CA ILE B 404 -17.64 -3.07 21.85
C ILE B 404 -18.36 -4.39 21.97
N ILE B 405 -17.65 -5.51 21.90
CA ILE B 405 -18.34 -6.79 21.96
C ILE B 405 -19.09 -6.94 23.28
N LEU B 406 -20.26 -7.54 23.25
CA LEU B 406 -21.03 -7.77 24.48
C LEU B 406 -20.53 -9.06 25.15
N PRO B 407 -20.60 -9.09 26.48
CA PRO B 407 -20.20 -10.27 27.24
C PRO B 407 -20.80 -11.55 26.71
N GLN B 408 -22.07 -11.50 26.31
CA GLN B 408 -22.75 -12.65 25.75
C GLN B 408 -22.14 -13.08 24.42
N GLN B 409 -21.82 -12.10 23.58
CA GLN B 409 -21.15 -12.37 22.32
C GLN B 409 -19.77 -13.01 22.55
N LEU B 410 -19.02 -12.49 23.51
CA LEU B 410 -17.69 -12.99 23.83
C LEU B 410 -17.77 -14.45 24.31
N GLN B 411 -18.79 -14.71 25.14
CA GLN B 411 -19.02 -16.04 25.68
C GLN B 411 -19.29 -17.04 24.57
N ARG B 412 -20.03 -16.63 23.53
CA ARG B 412 -20.25 -17.53 22.42
C ARG B 412 -18.89 -17.89 21.78
N LEU B 413 -18.00 -16.91 21.73
CA LEU B 413 -16.70 -17.09 21.10
C LEU B 413 -15.85 -18.10 21.87
N THR B 414 -15.64 -17.83 23.15
CA THR B 414 -14.85 -18.71 24.00
C THR B 414 -15.41 -20.14 24.14
N ALA B 415 -16.73 -20.25 24.18
CA ALA B 415 -17.39 -21.56 24.25
C ALA B 415 -17.15 -22.38 22.99
N ALA B 416 -17.11 -21.70 21.84
CA ALA B 416 -16.81 -22.35 20.57
C ALA B 416 -15.34 -22.80 20.50
N VAL B 417 -14.43 -21.98 21.03
CA VAL B 417 -13.00 -22.30 21.06
C VAL B 417 -12.82 -23.55 21.92
N ASN B 418 -13.37 -23.50 23.13
CA ASN B 418 -13.32 -24.60 24.10
C ASN B 418 -13.82 -25.94 23.54
N ARG B 419 -14.88 -25.88 22.76
CA ARG B 419 -15.50 -27.04 22.13
C ARG B 419 -14.68 -27.57 20.97
N ALA B 420 -14.08 -26.67 20.19
CA ALA B 420 -13.26 -27.05 19.06
C ALA B 420 -12.03 -27.88 19.46
N VAL B 421 -11.43 -27.55 20.59
CA VAL B 421 -10.21 -28.23 21.03
C VAL B 421 -10.47 -29.46 21.92
N GLN B 422 -11.73 -29.87 22.09
CA GLN B 422 -12.07 -31.01 22.96
C GLN B 422 -11.58 -32.32 22.37
N ASP B 423 -11.46 -32.38 21.05
CA ASP B 423 -10.89 -33.57 20.43
C ASP B 423 -10.20 -33.28 19.09
N GLU B 424 -9.71 -34.34 18.46
CA GLU B 424 -8.86 -34.26 17.28
C GLU B 424 -9.65 -34.19 15.98
N THR B 425 -10.95 -34.17 16.10
CA THR B 425 -11.81 -34.03 14.94
C THR B 425 -11.29 -33.02 13.92
N PHE B 426 -10.95 -31.83 14.42
CA PHE B 426 -10.60 -30.73 13.56
C PHE B 426 -9.06 -30.49 13.49
N PHE B 427 -8.25 -31.54 13.69
CA PHE B 427 -6.78 -31.40 13.68
C PHE B 427 -6.03 -32.26 12.61
N CYS B 428 -4.89 -31.75 12.15
CA CYS B 428 -4.08 -32.39 11.10
C CYS B 428 -4.40 -31.88 9.70
NH TZA C . 3.59 7.28 -10.12
CZ TZA C . 3.94 8.53 -9.71
CE2 TZA C . 3.21 9.59 -10.23
CD2 TZA C . 3.52 10.91 -9.89
CE1 TZA C . 5.00 8.79 -8.86
CD1 TZA C . 5.31 10.11 -8.51
CG TZA C . 4.55 11.17 -8.98
CX TZA C . 5.12 12.52 -8.68
CB TZA C . 6.23 12.95 -9.65
CA TZA C . 6.74 14.38 -9.39
N TZA C . 7.79 14.30 -8.40
C TZA C . 5.73 15.33 -8.85
O TZA C . 5.62 15.47 -7.64
O2 TZA C . 5.03 16.02 -9.55
NA NA D . -8.62 -10.98 -19.32
N1 PLP E . 3.99 2.46 -11.43
C2 PLP E . 3.81 3.57 -12.15
C2A PLP E . 3.94 3.49 -13.63
C3 PLP E . 3.51 4.89 -11.52
O3 PLP E . 3.37 5.95 -12.22
C4 PLP E . 3.39 4.91 -10.05
C4A PLP E . 3.11 6.19 -9.28
C5 PLP E . 3.60 3.61 -9.37
C6 PLP E . 3.89 2.46 -10.10
C5A PLP E . 3.50 3.55 -7.88
O4P PLP E . 2.13 3.79 -7.53
P PLP E . 1.79 4.28 -6.03
O1P PLP E . 2.51 3.34 -5.12
O2P PLP E . 0.26 4.18 -5.94
O3P PLP E . 2.45 5.59 -5.93
NH TZA F . 0.33 -9.10 9.52
CZ TZA F . -0.46 -10.13 9.16
CE2 TZA F . -1.65 -10.35 9.84
CD2 TZA F . -2.49 -11.41 9.47
CE1 TZA F . -0.10 -10.94 8.10
CD1 TZA F . -0.90 -11.98 7.72
CG TZA F . -2.12 -12.18 8.36
CX TZA F . -2.75 -13.46 8.05
CB TZA F . -2.03 -14.58 8.85
CA TZA F . -2.55 -16.00 8.60
N TZA F . -2.00 -16.34 7.30
C TZA F . -4.04 -16.11 8.61
O TZA F . -4.66 -15.89 9.61
O2 TZA F . -4.63 -16.43 7.60
NA NA G . 3.99 12.53 19.56
N1 PLP H . 3.23 -5.25 10.61
C2 PLP H . 2.42 -5.93 11.42
C2A PLP H . 2.77 -6.11 12.85
C3 PLP H . 1.16 -6.55 10.90
O3 PLP H . 0.45 -7.21 11.67
C4 PLP H . 0.83 -6.36 9.47
C4A PLP H . -0.42 -6.93 8.83
C5 PLP H . 1.81 -5.55 8.70
C6 PLP H . 2.95 -5.04 9.31
C5A PLP H . 1.63 -5.29 7.22
O4P PLP H . 0.37 -4.65 6.97
P PLP H . -0.27 -4.77 5.49
O1P PLP H . -0.81 -6.15 5.50
O2P PLP H . 0.72 -4.46 4.40
O3P PLP H . -1.36 -3.70 5.49
#